data_8WDW
#
_entry.id   8WDW
#
_cell.length_a   88.430
_cell.length_b   88.430
_cell.length_c   277.780
_cell.angle_alpha   90.00
_cell.angle_beta   90.00
_cell.angle_gamma   90.00
#
_symmetry.space_group_name_H-M   'P 43 21 2'
#
loop_
_entity.id
_entity.type
_entity.pdbx_description
1 polymer UMG-SP2
2 non-polymer GLYCEROL
3 non-polymer 'SULFATE ION'
4 non-polymer 'phenylmethanesulfonic acid'
5 water water
#
_entity_poly.entity_id   1
_entity_poly.type   'polypeptide(L)'
_entity_poly.pdbx_seq_one_letter_code
;MHHHHHHENLYFQGAGAGAGAGAMSELSAIETAAAIAGGSMTALEACDAAIARIEQRDGPINAVVVRDFDRARDAAKAAD
AEIAAAVRKPLLGVPMTIKESFDIAGLPTSWGFAEHADHIATADSLVVSRLKAAGAVFLGKSNIPVGLADWQSVNPNYGR
TNNPHDHSRSAGGSSGGAAAALAAGMVPLEYGSDIGGSIRVPAHFCGVWGLKTTFDAVSLEGHYFPRTDSAKADLSVVGP
MARTPADLALALDITSKVPLPQSRIANLSGLRILLLTAHPETVADSATISAVERAAAACEASGATVATSSPDLPDLSALV
ADYTRMLLVVLARGLAPEGTEPVSLNAWYAMLDDQARMMRAFDRLFESFDAIFCPVLGTTAFAHSDEPDWAKRSLSIDGG
IAPFAAQLGWISMATYGGMPALSMPLGADGNGLPINLQIITRNWSDHDAIRIGALVAEALDR
;
_entity_poly.pdbx_strand_id   A,B
#
# COMPACT_ATOMS: atom_id res chain seq x y z
N GLY A 22 -16.46 -28.36 -18.60
CA GLY A 22 -17.87 -28.52 -18.86
C GLY A 22 -18.20 -28.77 -20.31
N ALA A 23 -19.38 -29.34 -20.57
CA ALA A 23 -19.78 -29.63 -21.94
C ALA A 23 -20.08 -28.35 -22.71
N MET A 24 -20.82 -27.42 -22.10
CA MET A 24 -21.06 -26.11 -22.69
C MET A 24 -20.05 -25.14 -22.09
N SER A 25 -19.24 -24.52 -22.94
CA SER A 25 -18.13 -23.68 -22.52
C SER A 25 -18.19 -22.34 -23.21
N GLU A 26 -17.42 -21.39 -22.68
CA GLU A 26 -17.29 -20.08 -23.28
C GLU A 26 -15.82 -19.71 -23.35
N LEU A 27 -15.50 -18.77 -24.23
CA LEU A 27 -14.14 -18.24 -24.29
C LEU A 27 -13.78 -17.54 -22.99
N SER A 28 -12.55 -17.73 -22.53
CA SER A 28 -12.07 -16.92 -21.43
C SER A 28 -11.71 -15.52 -21.92
N ALA A 29 -11.35 -14.64 -20.97
CA ALA A 29 -10.97 -13.28 -21.36
C ALA A 29 -9.72 -13.29 -22.24
N ILE A 30 -8.72 -14.09 -21.87
CA ILE A 30 -7.49 -14.16 -22.66
C ILE A 30 -7.74 -14.81 -24.01
N GLU A 31 -8.57 -15.87 -24.04
CA GLU A 31 -8.90 -16.50 -25.32
C GLU A 31 -9.63 -15.54 -26.24
N THR A 32 -10.51 -14.71 -25.69
CA THR A 32 -11.24 -13.75 -26.51
C THR A 32 -10.30 -12.73 -27.13
N ALA A 33 -9.38 -12.17 -26.32
CA ALA A 33 -8.42 -11.21 -26.84
C ALA A 33 -7.54 -11.84 -27.92
N ALA A 34 -7.17 -13.11 -27.73
CA ALA A 34 -6.37 -13.80 -28.74
C ALA A 34 -7.17 -14.03 -30.01
N ALA A 35 -8.45 -14.38 -29.89
CA ALA A 35 -9.28 -14.58 -31.07
C ALA A 35 -9.46 -13.28 -31.83
N ILE A 36 -9.56 -12.16 -31.11
CA ILE A 36 -9.67 -10.87 -31.78
C ILE A 36 -8.32 -10.47 -32.38
N ALA A 37 -7.23 -10.69 -31.65
CA ALA A 37 -5.91 -10.29 -32.14
C ALA A 37 -5.52 -11.11 -33.36
N GLY A 38 -5.89 -12.40 -33.40
CA GLY A 38 -5.58 -13.24 -34.54
C GLY A 38 -6.48 -13.04 -35.74
N GLY A 39 -7.69 -12.53 -35.52
CA GLY A 39 -8.61 -12.27 -36.61
C GLY A 39 -9.66 -13.34 -36.82
N SER A 40 -9.75 -14.35 -35.95
CA SER A 40 -10.81 -15.34 -36.07
C SER A 40 -12.17 -14.76 -35.70
N MET A 41 -12.20 -13.65 -34.98
CA MET A 41 -13.42 -12.91 -34.74
C MET A 41 -13.07 -11.44 -34.54
N THR A 42 -14.06 -10.58 -34.72
CA THR A 42 -13.87 -9.16 -34.49
C THR A 42 -14.32 -8.79 -33.08
N ALA A 43 -13.89 -7.61 -32.63
CA ALA A 43 -14.33 -7.11 -31.32
C ALA A 43 -15.84 -6.90 -31.30
N LEU A 44 -16.41 -6.40 -32.40
CA LEU A 44 -17.85 -6.21 -32.47
C LEU A 44 -18.59 -7.54 -32.41
N GLU A 45 -18.03 -8.59 -33.03
CA GLU A 45 -18.64 -9.91 -32.92
C GLU A 45 -18.54 -10.45 -31.51
N ALA A 46 -17.41 -10.23 -30.83
CA ALA A 46 -17.29 -10.63 -29.44
C ALA A 46 -18.32 -9.90 -28.57
N CYS A 47 -18.47 -8.60 -28.79
CA CYS A 47 -19.45 -7.81 -28.05
C CYS A 47 -20.88 -8.30 -28.33
N ASP A 48 -21.21 -8.50 -29.62
CA ASP A 48 -22.57 -8.91 -29.96
C ASP A 48 -22.87 -10.32 -29.46
N ALA A 49 -21.86 -11.19 -29.41
CA ALA A 49 -22.07 -12.52 -28.85
C ALA A 49 -22.39 -12.45 -27.36
N ALA A 50 -21.71 -11.56 -26.62
CA ALA A 50 -21.97 -11.43 -25.19
C ALA A 50 -23.34 -10.79 -24.93
N ILE A 51 -23.71 -9.78 -25.73
CA ILE A 51 -25.04 -9.20 -25.63
C ILE A 51 -26.11 -10.27 -25.84
N ALA A 52 -25.88 -11.17 -26.81
CA ALA A 52 -26.85 -12.23 -27.07
C ALA A 52 -26.94 -13.20 -25.89
N ARG A 53 -25.80 -13.56 -25.28
CA ARG A 53 -25.84 -14.46 -24.14
C ARG A 53 -26.60 -13.84 -22.97
N ILE A 54 -26.39 -12.55 -22.72
CA ILE A 54 -27.11 -11.87 -21.65
C ILE A 54 -28.61 -11.90 -21.91
N GLU A 55 -29.03 -11.45 -23.09
CA GLU A 55 -30.45 -11.40 -23.39
C GLU A 55 -31.07 -12.80 -23.40
N GLN A 56 -30.30 -13.80 -23.80
CA GLN A 56 -30.81 -15.17 -23.82
C GLN A 56 -30.85 -15.79 -22.43
N ARG A 57 -29.85 -15.53 -21.58
CA ARG A 57 -29.72 -16.26 -20.33
C ARG A 57 -30.13 -15.48 -19.08
N ASP A 58 -30.16 -14.15 -19.14
CA ASP A 58 -30.33 -13.39 -17.90
C ASP A 58 -31.77 -13.36 -17.41
N GLY A 59 -32.73 -13.81 -18.21
CA GLY A 59 -34.13 -13.86 -17.84
C GLY A 59 -34.41 -14.39 -16.44
N PRO A 60 -34.07 -15.65 -16.18
CA PRO A 60 -34.30 -16.23 -14.85
C PRO A 60 -33.20 -15.97 -13.83
N ILE A 61 -32.11 -15.32 -14.22
CA ILE A 61 -30.97 -15.11 -13.33
C ILE A 61 -30.94 -13.69 -12.79
N ASN A 62 -31.16 -12.70 -13.67
CA ASN A 62 -31.27 -11.30 -13.28
C ASN A 62 -29.95 -10.79 -12.69
N ALA A 63 -28.86 -10.99 -13.44
CA ALA A 63 -27.53 -10.60 -13.01
C ALA A 63 -27.06 -9.27 -13.59
N VAL A 64 -27.31 -9.02 -14.87
CA VAL A 64 -26.83 -7.81 -15.54
C VAL A 64 -28.00 -6.83 -15.53
N VAL A 65 -28.06 -6.01 -14.48
CA VAL A 65 -29.23 -5.16 -14.23
C VAL A 65 -29.05 -3.74 -14.72
N VAL A 66 -27.84 -3.34 -15.11
CA VAL A 66 -27.58 -2.06 -15.76
C VAL A 66 -26.95 -2.38 -17.10
N ARG A 67 -27.58 -1.94 -18.19
CA ARG A 67 -27.13 -2.30 -19.52
C ARG A 67 -26.78 -1.05 -20.32
N ASP A 68 -25.71 -1.15 -21.09
CA ASP A 68 -25.12 -0.04 -21.83
C ASP A 68 -24.74 -0.52 -23.22
N PHE A 69 -25.65 -1.26 -23.86
CA PHE A 69 -25.27 -2.02 -25.05
C PHE A 69 -24.98 -1.12 -26.25
N ASP A 70 -25.67 0.01 -26.38
CA ASP A 70 -25.44 0.90 -27.51
C ASP A 70 -24.02 1.48 -27.46
N ARG A 71 -23.64 2.05 -26.31
CA ARG A 71 -22.30 2.62 -26.21
C ARG A 71 -21.22 1.54 -26.24
N ALA A 72 -21.54 0.33 -25.79
CA ALA A 72 -20.58 -0.76 -25.83
C ALA A 72 -20.26 -1.18 -27.26
N ARG A 73 -21.27 -1.22 -28.13
CA ARG A 73 -21.00 -1.56 -29.53
C ARG A 73 -20.13 -0.50 -30.18
N ASP A 74 -20.33 0.77 -29.84
CA ASP A 74 -19.45 1.82 -30.34
C ASP A 74 -18.01 1.61 -29.87
N ALA A 75 -17.84 1.26 -28.59
CA ALA A 75 -16.49 0.98 -28.10
C ALA A 75 -15.90 -0.25 -28.78
N ALA A 76 -16.73 -1.27 -29.02
CA ALA A 76 -16.25 -2.45 -29.73
C ALA A 76 -15.79 -2.09 -31.14
N LYS A 77 -16.52 -1.19 -31.81
CA LYS A 77 -16.10 -0.75 -33.14
C LYS A 77 -14.79 0.01 -33.06
N ALA A 78 -14.62 0.85 -32.03
CA ALA A 78 -13.35 1.54 -31.84
C ALA A 78 -12.22 0.55 -31.56
N ALA A 79 -12.53 -0.55 -30.88
CA ALA A 79 -11.51 -1.58 -30.65
C ALA A 79 -11.07 -2.23 -31.95
N ASP A 80 -12.03 -2.54 -32.83
CA ASP A 80 -11.69 -3.08 -34.14
C ASP A 80 -10.89 -2.08 -34.97
N ALA A 81 -11.12 -0.78 -34.76
CA ALA A 81 -10.30 0.23 -35.42
C ALA A 81 -8.85 0.15 -34.95
N GLU A 82 -8.63 -0.07 -33.65
CA GLU A 82 -7.27 -0.23 -33.14
C GLU A 82 -6.63 -1.51 -33.64
N ILE A 83 -7.40 -2.60 -33.71
CA ILE A 83 -6.86 -3.87 -34.21
C ILE A 83 -6.35 -3.71 -35.63
N ALA A 84 -7.13 -3.06 -36.50
CA ALA A 84 -6.70 -2.84 -37.87
C ALA A 84 -5.47 -1.95 -37.94
N ALA A 85 -5.32 -1.01 -37.00
CA ALA A 85 -4.13 -0.18 -36.93
C ALA A 85 -2.95 -0.88 -36.26
N ALA A 86 -2.97 -2.21 -36.21
CA ALA A 86 -1.92 -3.04 -35.64
C ALA A 86 -1.71 -2.82 -34.14
N VAL A 87 -2.66 -2.22 -33.45
CA VAL A 87 -2.56 -2.05 -32.02
C VAL A 87 -2.96 -3.34 -31.32
N ARG A 88 -2.22 -3.70 -30.28
CA ARG A 88 -2.51 -4.90 -29.48
C ARG A 88 -2.41 -4.53 -28.01
N LYS A 89 -3.47 -4.83 -27.26
CA LYS A 89 -3.54 -4.64 -25.82
C LYS A 89 -4.11 -5.91 -25.19
N PRO A 90 -3.80 -6.18 -23.92
CA PRO A 90 -4.10 -7.50 -23.34
C PRO A 90 -5.59 -7.86 -23.32
N LEU A 91 -6.49 -6.88 -23.22
CA LEU A 91 -7.93 -7.14 -23.22
C LEU A 91 -8.66 -6.44 -24.36
N LEU A 92 -7.95 -6.10 -25.44
CA LEU A 92 -8.53 -5.29 -26.51
C LEU A 92 -9.76 -5.94 -27.14
N GLY A 93 -10.92 -5.31 -26.98
CA GLY A 93 -12.16 -5.84 -27.51
C GLY A 93 -12.86 -6.86 -26.64
N VAL A 94 -12.31 -7.18 -25.47
CA VAL A 94 -12.92 -8.18 -24.59
C VAL A 94 -14.10 -7.56 -23.85
N PRO A 95 -15.31 -8.11 -23.99
CA PRO A 95 -16.47 -7.55 -23.30
C PRO A 95 -16.59 -8.09 -21.87
N MET A 96 -16.98 -7.21 -20.95
CA MET A 96 -17.15 -7.59 -19.57
C MET A 96 -18.20 -6.70 -18.93
N THR A 97 -18.58 -7.05 -17.71
CA THR A 97 -19.38 -6.20 -16.85
C THR A 97 -18.61 -5.99 -15.56
N ILE A 98 -19.10 -5.08 -14.72
CA ILE A 98 -18.50 -4.84 -13.43
C ILE A 98 -19.61 -4.67 -12.39
N LYS A 99 -19.28 -4.95 -11.13
CA LYS A 99 -20.21 -4.78 -10.03
C LYS A 99 -20.79 -3.37 -10.02
N GLU A 100 -22.09 -3.26 -9.70
CA GLU A 100 -22.82 -2.00 -9.86
C GLU A 100 -22.23 -0.88 -9.01
N SER A 101 -21.54 -1.19 -7.92
CA SER A 101 -21.04 -0.16 -7.03
C SER A 101 -19.84 0.59 -7.59
N PHE A 102 -19.25 0.12 -8.70
CA PHE A 102 -18.17 0.84 -9.35
C PHE A 102 -18.73 1.89 -10.31
N ASP A 103 -18.15 3.09 -10.26
CA ASP A 103 -18.60 4.15 -11.15
C ASP A 103 -18.20 3.87 -12.59
N ILE A 104 -19.15 4.07 -13.50
CA ILE A 104 -18.88 4.20 -14.93
C ILE A 104 -19.55 5.48 -15.40
N ALA A 105 -18.78 6.33 -16.09
CA ALA A 105 -19.31 7.58 -16.60
C ALA A 105 -20.55 7.34 -17.45
N GLY A 106 -21.67 7.93 -17.04
CA GLY A 106 -22.92 7.82 -17.77
C GLY A 106 -23.86 6.74 -17.26
N LEU A 107 -23.43 5.91 -16.32
CA LEU A 107 -24.27 4.86 -15.75
C LEU A 107 -24.58 5.16 -14.28
N PRO A 108 -25.72 4.70 -13.78
CA PRO A 108 -26.04 4.92 -12.37
C PRO A 108 -25.14 4.14 -11.42
N THR A 109 -24.92 4.71 -10.24
CA THR A 109 -24.31 3.99 -9.11
C THR A 109 -25.23 4.18 -7.92
N SER A 110 -25.98 3.14 -7.57
CA SER A 110 -27.03 3.25 -6.56
C SER A 110 -26.77 2.43 -5.31
N TRP A 111 -25.92 1.39 -5.39
CA TRP A 111 -25.72 0.44 -4.29
C TRP A 111 -27.05 -0.18 -3.86
N GLY A 112 -28.01 -0.23 -4.78
CA GLY A 112 -29.31 -0.82 -4.52
C GLY A 112 -30.29 0.05 -3.76
N PHE A 113 -29.92 1.28 -3.42
CA PHE A 113 -30.82 2.19 -2.73
C PHE A 113 -31.78 2.82 -3.73
N ALA A 114 -33.07 2.83 -3.38
CA ALA A 114 -34.04 3.50 -4.23
C ALA A 114 -33.76 5.00 -4.32
N GLU A 115 -33.33 5.61 -3.21
CA GLU A 115 -33.00 7.04 -3.21
C GLU A 115 -31.86 7.39 -4.15
N HIS A 116 -31.00 6.42 -4.49
CA HIS A 116 -29.83 6.69 -5.32
C HIS A 116 -29.93 6.03 -6.68
N ALA A 117 -31.13 5.59 -7.08
CA ALA A 117 -31.30 4.93 -8.36
C ALA A 117 -30.94 5.84 -9.53
N ASP A 118 -31.16 7.15 -9.40
CA ASP A 118 -30.85 8.08 -10.47
C ASP A 118 -29.53 8.83 -10.25
N HIS A 119 -28.69 8.38 -9.33
CA HIS A 119 -27.36 8.95 -9.19
C HIS A 119 -26.49 8.44 -10.34
N ILE A 120 -26.17 9.31 -11.29
CA ILE A 120 -25.38 8.94 -12.46
C ILE A 120 -23.95 9.41 -12.25
N ALA A 121 -22.99 8.50 -12.41
CA ALA A 121 -21.59 8.87 -12.27
C ALA A 121 -21.12 9.65 -13.48
N THR A 122 -20.23 10.62 -13.25
CA THR A 122 -19.68 11.44 -14.32
C THR A 122 -18.24 11.08 -14.66
N ALA A 123 -17.63 10.15 -13.91
CA ALA A 123 -16.28 9.69 -14.23
C ALA A 123 -16.20 8.20 -13.96
N ASP A 124 -15.41 7.50 -14.78
CA ASP A 124 -15.13 6.10 -14.52
C ASP A 124 -14.31 5.95 -13.24
N SER A 125 -14.55 4.86 -12.53
CA SER A 125 -13.70 4.50 -11.40
C SER A 125 -12.31 4.13 -11.93
N LEU A 126 -11.35 4.03 -11.00
CA LEU A 126 -9.98 3.71 -11.39
C LEU A 126 -9.90 2.34 -12.04
N VAL A 127 -10.52 1.34 -11.42
CA VAL A 127 -10.46 -0.02 -11.95
C VAL A 127 -11.04 -0.08 -13.36
N VAL A 128 -12.15 0.61 -13.57
CA VAL A 128 -12.77 0.66 -14.90
C VAL A 128 -11.82 1.32 -15.89
N SER A 129 -11.19 2.42 -15.48
CA SER A 129 -10.28 3.14 -16.36
C SER A 129 -9.09 2.28 -16.73
N ARG A 130 -8.52 1.55 -15.76
CA ARG A 130 -7.43 0.64 -16.04
C ARG A 130 -7.85 -0.42 -17.06
N LEU A 131 -9.00 -1.05 -16.84
CA LEU A 131 -9.44 -2.11 -17.74
C LEU A 131 -9.74 -1.58 -19.13
N LYS A 132 -10.35 -0.40 -19.23
CA LYS A 132 -10.58 0.21 -20.54
C LYS A 132 -9.28 0.53 -21.25
N ALA A 133 -8.28 1.02 -20.51
CA ALA A 133 -6.99 1.33 -21.11
C ALA A 133 -6.32 0.08 -21.66
N ALA A 134 -6.60 -1.08 -21.07
CA ALA A 134 -6.14 -2.35 -21.63
C ALA A 134 -7.03 -2.84 -22.75
N GLY A 135 -8.09 -2.10 -23.09
CA GLY A 135 -8.92 -2.40 -24.24
C GLY A 135 -10.25 -3.04 -23.95
N ALA A 136 -10.62 -3.23 -22.68
CA ALA A 136 -11.85 -3.92 -22.36
C ALA A 136 -13.07 -3.07 -22.73
N VAL A 137 -14.19 -3.75 -23.02
CA VAL A 137 -15.43 -3.11 -23.39
C VAL A 137 -16.47 -3.45 -22.34
N PHE A 138 -17.02 -2.44 -21.68
CA PHE A 138 -17.96 -2.64 -20.58
C PHE A 138 -19.39 -2.62 -21.11
N LEU A 139 -20.07 -3.77 -21.02
CA LEU A 139 -21.44 -3.90 -21.50
C LEU A 139 -22.46 -3.40 -20.50
N GLY A 140 -22.10 -3.33 -19.22
CA GLY A 140 -23.05 -2.96 -18.19
C GLY A 140 -22.52 -3.34 -16.82
N LYS A 141 -23.44 -3.36 -15.85
CA LYS A 141 -23.06 -3.58 -14.46
C LYS A 141 -23.97 -4.63 -13.82
N SER A 142 -23.43 -5.32 -12.82
CA SER A 142 -24.05 -6.50 -12.24
C SER A 142 -24.65 -6.20 -10.87
N ASN A 143 -25.63 -7.02 -10.49
CA ASN A 143 -26.54 -6.72 -9.38
C ASN A 143 -25.87 -6.87 -8.02
N ILE A 144 -26.45 -6.21 -7.03
CA ILE A 144 -25.91 -6.09 -5.68
C ILE A 144 -27.04 -6.07 -4.66
N PRO A 145 -26.77 -6.32 -3.38
CA PRO A 145 -27.77 -6.04 -2.33
C PRO A 145 -27.70 -4.58 -1.87
N VAL A 146 -28.75 -4.18 -1.16
CA VAL A 146 -28.86 -2.80 -0.70
C VAL A 146 -27.67 -2.48 0.19
N GLY A 147 -26.97 -1.39 -0.14
CA GLY A 147 -25.80 -1.00 0.63
C GLY A 147 -24.66 -2.00 0.63
N LEU A 148 -24.67 -2.99 -0.27
CA LEU A 148 -23.62 -4.00 -0.37
C LEU A 148 -23.46 -4.78 0.93
N ALA A 149 -24.56 -5.00 1.66
CA ALA A 149 -24.47 -5.48 3.04
C ALA A 149 -25.11 -6.86 3.21
N ASP A 150 -24.91 -7.77 2.25
CA ASP A 150 -25.51 -9.09 2.37
C ASP A 150 -24.76 -10.09 1.51
N TRP A 151 -24.90 -11.37 1.87
CA TRP A 151 -24.50 -12.48 1.02
C TRP A 151 -25.63 -12.90 0.07
N GLN A 152 -26.44 -11.95 -0.36
CA GLN A 152 -27.40 -12.10 -1.44
C GLN A 152 -27.27 -10.89 -2.34
N SER A 153 -27.92 -10.92 -3.50
CA SER A 153 -27.95 -9.76 -4.40
C SER A 153 -29.40 -9.46 -4.74
N VAL A 154 -30.00 -8.53 -3.99
CA VAL A 154 -31.40 -8.19 -4.14
C VAL A 154 -31.58 -6.76 -3.63
N ASN A 155 -32.40 -6.00 -4.34
CA ASN A 155 -32.62 -4.59 -4.01
C ASN A 155 -33.88 -4.13 -4.71
N PRO A 156 -34.51 -3.04 -4.23
CA PRO A 156 -35.75 -2.58 -4.88
C PRO A 156 -35.56 -1.93 -6.24
N ASN A 157 -34.32 -1.57 -6.62
CA ASN A 157 -34.10 -0.96 -7.92
C ASN A 157 -34.11 -1.99 -9.04
N TYR A 158 -33.52 -3.16 -8.79
CA TYR A 158 -33.26 -4.12 -9.85
C TYR A 158 -33.87 -5.49 -9.59
N GLY A 159 -34.27 -5.81 -8.38
CA GLY A 159 -34.80 -7.12 -8.07
C GLY A 159 -33.72 -8.04 -7.52
N ARG A 160 -33.99 -9.34 -7.63
CA ARG A 160 -33.17 -10.38 -7.04
C ARG A 160 -32.38 -11.13 -8.10
N THR A 161 -31.13 -11.43 -7.78
CA THR A 161 -30.31 -12.30 -8.62
C THR A 161 -30.42 -13.73 -8.10
N ASN A 162 -30.64 -14.66 -9.00
CA ASN A 162 -30.83 -16.07 -8.65
C ASN A 162 -29.61 -16.88 -9.06
N ASN A 163 -29.23 -17.82 -8.21
CA ASN A 163 -28.07 -18.68 -8.46
C ASN A 163 -28.31 -19.47 -9.74
N PRO A 164 -27.42 -19.37 -10.74
CA PRO A 164 -27.65 -20.13 -11.99
C PRO A 164 -27.64 -21.63 -11.80
N HIS A 165 -26.99 -22.12 -10.74
CA HIS A 165 -26.99 -23.56 -10.46
C HIS A 165 -28.28 -24.03 -9.80
N ASP A 166 -29.03 -23.13 -9.16
CA ASP A 166 -30.31 -23.47 -8.55
C ASP A 166 -31.04 -22.16 -8.29
N HIS A 167 -32.07 -21.88 -9.09
CA HIS A 167 -32.69 -20.56 -9.07
C HIS A 167 -33.33 -20.24 -7.73
N SER A 168 -33.56 -21.26 -6.89
CA SER A 168 -34.12 -21.04 -5.55
C SER A 168 -33.08 -20.65 -4.52
N ARG A 169 -31.79 -20.62 -4.86
CA ARG A 169 -30.75 -20.30 -3.90
C ARG A 169 -30.14 -18.93 -4.20
N SER A 170 -29.57 -18.34 -3.16
CA SER A 170 -28.84 -17.08 -3.29
C SER A 170 -27.68 -17.22 -4.27
N ALA A 171 -27.46 -16.18 -5.07
CA ALA A 171 -26.24 -16.08 -5.86
C ALA A 171 -25.04 -15.64 -5.04
N GLY A 172 -25.23 -15.37 -3.76
CA GLY A 172 -24.20 -14.73 -2.98
C GLY A 172 -24.29 -13.23 -3.06
N GLY A 173 -23.40 -12.59 -2.31
CA GLY A 173 -23.30 -11.14 -2.29
C GLY A 173 -22.05 -10.75 -1.54
N SER A 174 -21.68 -9.48 -1.68
CA SER A 174 -22.45 -8.49 -2.42
C SER A 174 -22.16 -8.49 -3.93
N SER A 175 -21.06 -9.14 -4.35
CA SER A 175 -20.75 -9.28 -5.77
C SER A 175 -21.51 -10.43 -6.43
N GLY A 176 -22.76 -10.64 -6.04
CA GLY A 176 -23.45 -11.85 -6.47
C GLY A 176 -23.86 -11.82 -7.93
N GLY A 177 -24.29 -10.66 -8.43
CA GLY A 177 -24.60 -10.55 -9.85
C GLY A 177 -23.40 -10.83 -10.71
N ALA A 178 -22.21 -10.39 -10.26
CA ALA A 178 -20.97 -10.65 -10.99
C ALA A 178 -20.70 -12.13 -11.09
N ALA A 179 -20.84 -12.85 -9.98
CA ALA A 179 -20.55 -14.28 -9.98
C ALA A 179 -21.58 -15.05 -10.80
N ALA A 180 -22.86 -14.64 -10.73
CA ALA A 180 -23.88 -15.33 -11.51
C ALA A 180 -23.68 -15.13 -13.01
N ALA A 181 -23.31 -13.92 -13.41
CA ALA A 181 -23.04 -13.67 -14.82
C ALA A 181 -21.87 -14.49 -15.32
N LEU A 182 -20.86 -14.71 -14.48
CA LEU A 182 -19.73 -15.55 -14.86
C LEU A 182 -20.12 -17.02 -14.90
N ALA A 183 -20.88 -17.48 -13.92
CA ALA A 183 -21.29 -18.89 -13.89
C ALA A 183 -22.16 -19.23 -15.09
N ALA A 184 -23.03 -18.30 -15.49
CA ALA A 184 -23.89 -18.50 -16.66
C ALA A 184 -23.18 -18.24 -17.97
N GLY A 185 -21.90 -17.86 -17.94
CA GLY A 185 -21.12 -17.70 -19.15
C GLY A 185 -21.41 -16.46 -19.94
N MET A 186 -22.04 -15.46 -19.34
CA MET A 186 -22.41 -14.25 -20.09
C MET A 186 -21.18 -13.45 -20.47
N VAL A 187 -20.27 -13.21 -19.52
CA VAL A 187 -19.03 -12.49 -19.76
C VAL A 187 -17.89 -13.29 -19.18
N PRO A 188 -16.65 -13.14 -19.68
CA PRO A 188 -15.52 -13.88 -19.12
C PRO A 188 -14.82 -13.20 -17.96
N LEU A 189 -15.08 -11.92 -17.72
CA LEU A 189 -14.35 -11.19 -16.69
C LEU A 189 -15.31 -10.29 -15.93
N GLU A 190 -15.04 -10.14 -14.64
CA GLU A 190 -15.81 -9.27 -13.77
C GLU A 190 -14.87 -8.73 -12.68
N TYR A 191 -15.41 -7.89 -11.80
CA TYR A 191 -14.62 -7.27 -10.76
C TYR A 191 -15.52 -6.91 -9.59
N GLY A 192 -15.16 -7.34 -8.39
CA GLY A 192 -16.01 -7.10 -7.23
C GLY A 192 -15.31 -6.41 -6.07
N SER A 193 -16.01 -6.31 -4.94
CA SER A 193 -15.44 -5.78 -3.70
C SER A 193 -15.78 -6.74 -2.57
N ASP A 194 -15.00 -6.64 -1.49
CA ASP A 194 -15.02 -7.63 -0.41
C ASP A 194 -14.65 -6.94 0.89
N ILE A 195 -15.59 -6.91 1.83
CA ILE A 195 -15.28 -6.53 3.21
C ILE A 195 -15.73 -7.58 4.21
N GLY A 196 -16.70 -8.43 3.86
CA GLY A 196 -17.11 -9.53 4.69
C GLY A 196 -17.24 -10.78 3.85
N GLY A 197 -16.39 -10.92 2.84
CA GLY A 197 -16.39 -12.08 1.97
C GLY A 197 -17.10 -11.86 0.64
N SER A 198 -17.38 -10.61 0.30
CA SER A 198 -18.25 -10.32 -0.83
C SER A 198 -17.66 -10.60 -2.21
N ILE A 199 -16.42 -11.09 -2.26
CA ILE A 199 -15.87 -11.63 -3.50
C ILE A 199 -15.82 -13.15 -3.39
N ARG A 200 -15.30 -13.63 -2.26
CA ARG A 200 -15.08 -15.05 -2.08
C ARG A 200 -16.40 -15.82 -2.01
N VAL A 201 -17.39 -15.27 -1.31
CA VAL A 201 -18.66 -15.95 -1.06
C VAL A 201 -19.47 -16.10 -2.35
N PRO A 202 -19.72 -15.04 -3.14
CA PRO A 202 -20.44 -15.26 -4.40
C PRO A 202 -19.71 -16.18 -5.36
N ALA A 203 -18.38 -16.06 -5.45
CA ALA A 203 -17.62 -17.01 -6.26
C ALA A 203 -17.84 -18.44 -5.78
N HIS A 204 -17.94 -18.63 -4.47
CA HIS A 204 -18.16 -19.96 -3.90
C HIS A 204 -19.58 -20.43 -4.17
N PHE A 205 -20.57 -19.55 -3.97
CA PHE A 205 -21.96 -19.95 -4.21
C PHE A 205 -22.21 -20.30 -5.67
N CYS A 206 -21.56 -19.60 -6.60
CA CYS A 206 -21.79 -19.82 -8.02
C CYS A 206 -20.70 -20.66 -8.69
N GLY A 207 -19.68 -21.08 -7.95
CA GLY A 207 -18.65 -21.93 -8.52
C GLY A 207 -17.77 -21.30 -9.57
N VAL A 208 -17.34 -20.06 -9.35
CA VAL A 208 -16.40 -19.40 -10.25
C VAL A 208 -15.18 -18.98 -9.44
N TRP A 209 -14.25 -18.27 -10.07
CA TRP A 209 -12.99 -17.90 -9.45
C TRP A 209 -13.06 -16.46 -8.97
N GLY A 210 -12.58 -16.23 -7.74
CA GLY A 210 -12.56 -14.87 -7.21
C GLY A 210 -11.40 -14.62 -6.28
N LEU A 211 -10.69 -13.51 -6.50
CA LEU A 211 -9.51 -13.17 -5.72
C LEU A 211 -9.80 -11.98 -4.83
N LYS A 212 -9.87 -12.23 -3.52
CA LYS A 212 -9.79 -11.17 -2.53
C LYS A 212 -8.32 -10.75 -2.45
N THR A 213 -8.03 -9.50 -2.80
CA THR A 213 -6.66 -9.03 -2.93
C THR A 213 -6.09 -8.53 -1.60
N THR A 214 -4.76 -8.47 -1.54
CA THR A 214 -4.09 -7.88 -0.38
C THR A 214 -4.66 -6.50 -0.09
N PHE A 215 -4.95 -6.24 1.18
CA PHE A 215 -5.44 -4.93 1.56
C PHE A 215 -4.52 -3.83 1.05
N ASP A 216 -5.11 -2.82 0.41
CA ASP A 216 -4.44 -1.64 -0.17
C ASP A 216 -3.67 -1.90 -1.45
N ALA A 217 -3.80 -3.08 -2.06
CA ALA A 217 -3.08 -3.35 -3.31
C ALA A 217 -3.76 -2.71 -4.52
N VAL A 218 -5.07 -2.52 -4.48
CA VAL A 218 -5.84 -2.00 -5.61
C VAL A 218 -6.64 -0.80 -5.14
N SER A 219 -6.62 0.27 -5.94
CA SER A 219 -7.31 1.50 -5.58
C SER A 219 -8.83 1.31 -5.62
N LEU A 220 -9.51 1.87 -4.61
CA LEU A 220 -10.97 1.90 -4.54
C LEU A 220 -11.56 3.19 -5.09
N GLU A 221 -10.76 4.03 -5.74
CA GLU A 221 -11.28 5.27 -6.31
C GLU A 221 -12.41 4.98 -7.27
N GLY A 222 -13.56 5.61 -7.03
CA GLY A 222 -14.74 5.40 -7.83
C GLY A 222 -15.67 4.32 -7.30
N HIS A 223 -15.21 3.50 -6.36
CA HIS A 223 -16.11 2.62 -5.61
C HIS A 223 -16.65 3.44 -4.45
N TYR A 224 -17.45 4.45 -4.81
CA TYR A 224 -17.92 5.48 -3.89
C TYR A 224 -19.35 5.18 -3.45
N PHE A 225 -19.63 5.40 -2.19
CA PHE A 225 -21.02 5.47 -1.77
C PHE A 225 -21.73 6.52 -2.61
N PRO A 226 -22.93 6.22 -3.11
CA PRO A 226 -23.60 7.14 -4.05
C PRO A 226 -23.66 8.57 -3.53
N ARG A 227 -23.33 9.51 -4.42
CA ARG A 227 -23.36 10.95 -4.17
C ARG A 227 -22.28 11.41 -3.20
N THR A 228 -21.27 10.58 -2.93
CA THR A 228 -20.11 10.96 -2.14
C THR A 228 -18.84 10.62 -2.92
N ASP A 229 -17.70 11.10 -2.43
CA ASP A 229 -16.41 10.59 -2.85
C ASP A 229 -15.74 9.83 -1.72
N SER A 230 -16.53 9.08 -0.95
CA SER A 230 -16.05 8.29 0.18
C SER A 230 -16.05 6.81 -0.17
N ALA A 231 -14.87 6.20 -0.14
CA ALA A 231 -14.72 4.76 -0.16
C ALA A 231 -14.13 4.31 1.17
N LYS A 232 -14.44 3.06 1.56
CA LYS A 232 -13.94 2.53 2.82
C LYS A 232 -12.42 2.59 2.87
N ALA A 233 -11.89 2.97 4.02
CA ALA A 233 -10.46 3.06 4.22
C ALA A 233 -9.89 1.86 4.98
N ASP A 234 -10.73 0.91 5.37
CA ASP A 234 -10.27 -0.23 6.16
C ASP A 234 -11.04 -1.49 5.76
N LEU A 235 -10.33 -2.62 5.81
CA LEU A 235 -10.87 -3.96 5.60
C LEU A 235 -11.27 -4.25 4.16
N SER A 236 -11.92 -3.28 3.50
CA SER A 236 -12.47 -3.53 2.18
C SER A 236 -11.37 -3.59 1.12
N VAL A 237 -11.52 -4.52 0.18
CA VAL A 237 -10.65 -4.62 -0.99
C VAL A 237 -11.52 -4.83 -2.22
N VAL A 238 -10.93 -4.54 -3.39
CA VAL A 238 -11.53 -4.87 -4.67
C VAL A 238 -10.61 -5.86 -5.37
N GLY A 239 -11.19 -6.73 -6.19
CA GLY A 239 -10.44 -7.77 -6.85
C GLY A 239 -11.19 -8.43 -7.98
N PRO A 240 -10.46 -9.08 -8.89
CA PRO A 240 -11.09 -9.63 -10.09
C PRO A 240 -11.86 -10.91 -9.80
N MET A 241 -12.78 -11.22 -10.72
CA MET A 241 -13.53 -12.47 -10.73
C MET A 241 -13.58 -12.98 -12.16
N ALA A 242 -13.41 -14.29 -12.34
CA ALA A 242 -13.36 -14.87 -13.68
C ALA A 242 -13.69 -16.35 -13.59
N ARG A 243 -13.50 -17.06 -14.71
CA ARG A 243 -13.63 -18.50 -14.75
C ARG A 243 -12.28 -19.21 -14.87
N THR A 244 -11.17 -18.48 -15.00
CA THR A 244 -9.84 -19.08 -15.08
C THR A 244 -8.86 -18.29 -14.23
N PRO A 245 -7.89 -18.96 -13.62
CA PRO A 245 -6.86 -18.23 -12.86
C PRO A 245 -6.01 -17.31 -13.74
N ALA A 246 -5.84 -17.65 -15.02
CA ALA A 246 -5.09 -16.77 -15.92
C ALA A 246 -5.77 -15.42 -16.08
N ASP A 247 -7.09 -15.40 -16.22
CA ASP A 247 -7.81 -14.14 -16.34
C ASP A 247 -7.68 -13.31 -15.07
N LEU A 248 -7.71 -13.97 -13.89
CA LEU A 248 -7.50 -13.25 -12.64
C LEU A 248 -6.14 -12.59 -12.58
N ALA A 249 -5.10 -13.30 -13.01
CA ALA A 249 -3.74 -12.74 -12.89
C ALA A 249 -3.55 -11.56 -13.82
N LEU A 250 -4.07 -11.65 -15.05
CA LEU A 250 -3.99 -10.54 -15.99
C LEU A 250 -4.77 -9.33 -15.47
N ALA A 251 -6.01 -9.56 -15.00
CA ALA A 251 -6.80 -8.46 -14.49
C ALA A 251 -6.17 -7.84 -13.25
N LEU A 252 -5.49 -8.64 -12.43
CA LEU A 252 -4.77 -8.08 -11.29
C LEU A 252 -3.63 -7.19 -11.74
N ASP A 253 -2.83 -7.65 -12.72
CA ASP A 253 -1.73 -6.83 -13.20
C ASP A 253 -2.21 -5.55 -13.87
N ILE A 254 -3.42 -5.57 -14.45
CA ILE A 254 -3.93 -4.37 -15.11
C ILE A 254 -4.38 -3.33 -14.11
N THR A 255 -4.91 -3.76 -12.95
CA THR A 255 -5.58 -2.87 -12.02
C THR A 255 -4.78 -2.55 -10.76
N SER A 256 -3.65 -3.20 -10.54
CA SER A 256 -2.82 -2.97 -9.36
C SER A 256 -2.31 -1.52 -9.30
N LYS A 257 -2.17 -1.01 -8.08
CA LYS A 257 -1.50 0.28 -7.90
C LYS A 257 -0.12 0.26 -8.53
N VAL A 258 0.68 -0.74 -8.20
CA VAL A 258 1.95 -1.01 -8.86
C VAL A 258 1.97 -2.49 -9.25
N PRO A 259 2.78 -2.87 -10.23
CA PRO A 259 2.90 -4.30 -10.56
C PRO A 259 3.38 -5.09 -9.34
N LEU A 260 2.61 -6.12 -8.99
CA LEU A 260 2.86 -6.98 -7.84
C LEU A 260 3.77 -8.15 -8.22
N PRO A 261 4.52 -8.70 -7.25
CA PRO A 261 5.47 -9.77 -7.57
C PRO A 261 4.80 -10.96 -8.22
N GLN A 262 5.35 -11.40 -9.34
CA GLN A 262 4.83 -12.59 -10.01
C GLN A 262 5.23 -13.83 -9.22
N SER A 263 4.51 -14.92 -9.48
CA SER A 263 4.75 -16.16 -8.75
C SER A 263 5.93 -16.91 -9.36
N ARG A 264 6.77 -17.48 -8.49
CA ARG A 264 7.84 -18.37 -8.89
C ARG A 264 7.53 -19.83 -8.58
N ILE A 265 6.27 -20.13 -8.26
CA ILE A 265 5.87 -21.50 -7.92
C ILE A 265 5.60 -22.25 -9.20
N ALA A 266 6.49 -23.19 -9.55
CA ALA A 266 6.34 -23.95 -10.78
C ALA A 266 5.45 -25.17 -10.60
N ASN A 267 5.38 -25.73 -9.40
CA ASN A 267 4.57 -26.93 -9.16
C ASN A 267 4.29 -27.01 -7.66
N LEU A 268 3.63 -28.08 -7.26
CA LEU A 268 3.23 -28.27 -5.87
C LEU A 268 4.28 -28.98 -5.02
N SER A 269 5.33 -29.52 -5.64
CA SER A 269 6.32 -30.26 -4.90
C SER A 269 7.05 -29.34 -3.92
N GLY A 270 6.98 -29.67 -2.63
CA GLY A 270 7.62 -28.88 -1.61
C GLY A 270 6.74 -27.83 -0.97
N LEU A 271 5.56 -27.57 -1.53
CA LEU A 271 4.67 -26.57 -0.97
C LEU A 271 4.20 -26.98 0.42
N ARG A 272 4.08 -26.01 1.32
CA ARG A 272 3.72 -26.23 2.71
C ARG A 272 2.34 -25.65 2.95
N ILE A 273 1.36 -26.53 3.20
CA ILE A 273 -0.04 -26.15 3.30
C ILE A 273 -0.52 -26.37 4.73
N LEU A 274 -1.22 -25.38 5.27
CA LEU A 274 -1.96 -25.54 6.53
C LEU A 274 -3.42 -25.82 6.19
N LEU A 275 -3.89 -27.02 6.49
CA LEU A 275 -5.26 -27.44 6.17
C LEU A 275 -6.15 -27.24 7.40
N LEU A 276 -7.17 -26.40 7.26
CA LEU A 276 -8.13 -26.12 8.33
C LEU A 276 -9.54 -26.42 7.84
N THR A 277 -10.25 -27.28 8.55
CA THR A 277 -11.65 -27.57 8.25
C THR A 277 -12.55 -27.34 9.46
N ALA A 278 -12.02 -26.72 10.51
CA ALA A 278 -12.78 -26.40 11.71
C ALA A 278 -12.44 -24.99 12.14
N HIS A 279 -13.38 -24.34 12.82
CA HIS A 279 -13.20 -22.99 13.32
C HIS A 279 -13.83 -22.92 14.70
N PRO A 280 -13.16 -22.30 15.66
CA PRO A 280 -13.68 -22.32 17.04
C PRO A 280 -15.02 -21.64 17.21
N GLU A 281 -15.47 -20.81 16.25
CA GLU A 281 -16.69 -20.04 16.41
C GLU A 281 -17.77 -20.38 15.38
N THR A 282 -17.54 -21.33 14.48
CA THR A 282 -18.54 -21.69 13.47
C THR A 282 -18.24 -23.11 13.00
N VAL A 283 -18.92 -23.55 11.95
CA VAL A 283 -18.90 -24.95 11.53
C VAL A 283 -18.95 -25.04 10.01
N ALA A 284 -18.50 -26.19 9.51
CA ALA A 284 -18.64 -26.58 8.10
C ALA A 284 -19.35 -27.92 8.02
N ASP A 285 -20.09 -28.13 6.94
CA ASP A 285 -20.81 -29.39 6.80
C ASP A 285 -19.90 -30.45 6.18
N SER A 286 -20.41 -31.69 6.15
CA SER A 286 -19.59 -32.83 5.75
C SER A 286 -19.07 -32.67 4.31
N ALA A 287 -19.94 -32.24 3.40
CA ALA A 287 -19.53 -32.14 1.99
C ALA A 287 -18.41 -31.12 1.82
N THR A 288 -18.50 -30.01 2.56
CA THR A 288 -17.46 -28.98 2.46
C THR A 288 -16.14 -29.49 3.07
N ILE A 289 -16.21 -30.09 4.25
CA ILE A 289 -15.01 -30.63 4.89
C ILE A 289 -14.36 -31.67 3.98
N SER A 290 -15.17 -32.57 3.42
CA SER A 290 -14.64 -33.60 2.55
C SER A 290 -13.98 -33.00 1.31
N ALA A 291 -14.58 -31.96 0.74
CA ALA A 291 -14.03 -31.35 -0.48
C ALA A 291 -12.71 -30.66 -0.20
N VAL A 292 -12.63 -29.87 0.88
CA VAL A 292 -11.37 -29.20 1.19
C VAL A 292 -10.27 -30.21 1.49
N GLU A 293 -10.64 -31.31 2.18
CA GLU A 293 -9.66 -32.36 2.45
C GLU A 293 -9.18 -33.02 1.16
N ARG A 294 -10.08 -33.25 0.21
CA ARG A 294 -9.71 -33.84 -1.06
C ARG A 294 -8.70 -32.96 -1.82
N ALA A 295 -8.86 -31.65 -1.77
CA ALA A 295 -7.92 -30.75 -2.42
C ALA A 295 -6.53 -30.84 -1.78
N ALA A 296 -6.48 -30.95 -0.45
CA ALA A 296 -5.19 -31.09 0.20
C ALA A 296 -4.53 -32.43 -0.13
N ALA A 297 -5.33 -33.50 -0.21
CA ALA A 297 -4.79 -34.81 -0.54
C ALA A 297 -4.24 -34.83 -1.96
N ALA A 298 -4.89 -34.12 -2.89
CA ALA A 298 -4.38 -34.04 -4.26
C ALA A 298 -3.05 -33.31 -4.32
N CYS A 299 -2.86 -32.30 -3.46
CA CYS A 299 -1.58 -31.61 -3.41
C CYS A 299 -0.51 -32.48 -2.77
N GLU A 300 -0.87 -33.20 -1.70
CA GLU A 300 0.04 -34.15 -1.08
C GLU A 300 0.52 -35.18 -2.09
N ALA A 301 -0.39 -35.69 -2.93
CA ALA A 301 -0.01 -36.61 -3.99
C ALA A 301 0.88 -35.97 -5.03
N SER A 302 0.96 -34.64 -5.08
CA SER A 302 1.79 -33.93 -6.04
C SER A 302 3.07 -33.39 -5.41
N GLY A 303 3.43 -33.87 -4.22
CA GLY A 303 4.69 -33.49 -3.60
C GLY A 303 4.58 -32.43 -2.52
N ALA A 304 3.39 -31.92 -2.24
CA ALA A 304 3.23 -30.91 -1.21
C ALA A 304 3.20 -31.56 0.18
N THR A 305 3.48 -30.75 1.19
CA THR A 305 3.35 -31.15 2.58
C THR A 305 2.13 -30.47 3.19
N VAL A 306 1.35 -31.23 3.95
CA VAL A 306 0.12 -30.73 4.56
C VAL A 306 0.21 -30.92 6.07
N ALA A 307 -0.02 -29.84 6.80
CA ALA A 307 -0.19 -29.87 8.24
C ALA A 307 -1.64 -29.54 8.58
N THR A 308 -2.11 -30.07 9.70
CA THR A 308 -3.48 -29.82 10.14
C THR A 308 -3.56 -28.99 11.41
N SER A 309 -2.42 -28.62 11.97
CA SER A 309 -2.39 -27.67 13.08
C SER A 309 -1.04 -26.96 13.05
N SER A 310 -0.95 -25.87 13.80
CA SER A 310 0.30 -25.14 13.95
C SER A 310 0.23 -24.36 15.24
N PRO A 311 1.31 -24.35 16.04
CA PRO A 311 1.31 -23.47 17.22
C PRO A 311 1.35 -22.00 16.86
N ASP A 312 1.68 -21.67 15.61
CA ASP A 312 1.71 -20.29 15.15
C ASP A 312 0.40 -19.82 14.56
N LEU A 313 -0.62 -20.69 14.50
CA LEU A 313 -1.93 -20.23 14.06
C LEU A 313 -2.48 -19.23 15.06
N PRO A 314 -2.86 -18.03 14.63
CA PRO A 314 -3.41 -17.04 15.57
C PRO A 314 -4.71 -17.52 16.19
N ASP A 315 -5.10 -16.84 17.27
CA ASP A 315 -6.34 -17.14 17.98
C ASP A 315 -7.52 -16.72 17.11
N LEU A 316 -8.09 -17.69 16.40
CA LEU A 316 -9.19 -17.39 15.47
C LEU A 316 -10.43 -16.89 16.22
N SER A 317 -10.60 -17.31 17.47
CA SER A 317 -11.75 -16.83 18.23
C SER A 317 -11.60 -15.35 18.58
N ALA A 318 -10.41 -14.95 19.03
CA ALA A 318 -10.17 -13.53 19.29
C ALA A 318 -10.22 -12.73 17.99
N LEU A 319 -9.72 -13.31 16.89
CA LEU A 319 -9.70 -12.63 15.60
C LEU A 319 -11.10 -12.22 15.16
N VAL A 320 -12.04 -13.18 15.15
N VAL A 320 -12.05 -13.17 15.17
CA VAL A 320 -13.40 -12.88 14.67
CA VAL A 320 -13.39 -12.88 14.66
C VAL A 320 -14.04 -11.80 15.53
C VAL A 320 -14.09 -11.84 15.54
N ALA A 321 -13.85 -11.89 16.85
CA ALA A 321 -14.44 -10.88 17.74
C ALA A 321 -13.87 -9.51 17.45
N ASP A 322 -12.54 -9.40 17.26
CA ASP A 322 -11.94 -8.11 16.97
C ASP A 322 -12.31 -7.62 15.57
N TYR A 323 -12.29 -8.52 14.59
CA TYR A 323 -12.73 -8.15 13.24
C TYR A 323 -14.15 -7.63 13.24
N THR A 324 -15.05 -8.27 13.99
CA THR A 324 -16.45 -7.87 13.98
C THR A 324 -16.64 -6.48 14.58
N ARG A 325 -15.93 -6.19 15.68
CA ARG A 325 -16.04 -4.88 16.30
C ARG A 325 -15.53 -3.78 15.37
N MET A 326 -14.43 -4.06 14.66
CA MET A 326 -13.93 -3.09 13.68
C MET A 326 -14.90 -2.95 12.51
N LEU A 327 -15.37 -4.07 11.98
CA LEU A 327 -16.31 -4.06 10.86
C LEU A 327 -17.54 -3.20 11.17
N LEU A 328 -18.16 -3.42 12.34
CA LEU A 328 -19.34 -2.64 12.70
C LEU A 328 -19.01 -1.16 12.79
N VAL A 329 -17.86 -0.80 13.37
CA VAL A 329 -17.47 0.60 13.44
C VAL A 329 -17.27 1.19 12.05
N VAL A 330 -16.55 0.46 11.19
CA VAL A 330 -16.30 0.93 9.82
C VAL A 330 -17.61 1.12 9.07
N LEU A 331 -18.53 0.15 9.18
CA LEU A 331 -19.80 0.25 8.46
C LEU A 331 -20.62 1.44 8.92
N ALA A 332 -20.58 1.74 10.22
CA ALA A 332 -21.34 2.84 10.78
C ALA A 332 -20.62 4.18 10.69
N ARG A 333 -19.42 4.22 10.11
CA ARG A 333 -18.59 5.43 10.06
C ARG A 333 -18.41 6.03 11.45
N GLY A 334 -18.22 5.16 12.44
CA GLY A 334 -18.00 5.63 13.80
C GLY A 334 -19.22 6.21 14.48
N LEU A 335 -20.38 6.17 13.84
CA LEU A 335 -21.61 6.63 14.47
C LEU A 335 -22.19 5.54 15.36
N ALA A 336 -22.69 5.94 16.52
CA ALA A 336 -23.31 5.01 17.45
C ALA A 336 -24.82 5.17 17.44
N PRO A 337 -25.57 4.12 17.77
CA PRO A 337 -27.01 4.27 17.96
C PRO A 337 -27.28 5.23 19.11
N GLU A 338 -28.44 5.90 19.03
CA GLU A 338 -28.77 6.94 20.01
C GLU A 338 -28.77 6.37 21.42
N GLY A 339 -28.24 7.15 22.36
CA GLY A 339 -28.10 6.70 23.72
C GLY A 339 -26.71 6.18 24.03
N THR A 340 -26.24 5.21 23.23
CA THR A 340 -24.92 4.64 23.46
C THR A 340 -23.82 5.61 23.04
N GLU A 341 -22.63 5.39 23.59
CA GLU A 341 -21.50 6.28 23.36
C GLU A 341 -20.64 5.75 22.22
N PRO A 342 -20.31 6.59 21.24
CA PRO A 342 -19.50 6.11 20.10
C PRO A 342 -18.07 5.78 20.53
N VAL A 343 -17.42 4.97 19.70
CA VAL A 343 -16.01 4.67 19.89
C VAL A 343 -15.21 5.96 19.68
N SER A 344 -14.31 6.24 20.64
CA SER A 344 -13.47 7.43 20.52
C SER A 344 -12.40 7.23 19.46
N LEU A 345 -11.92 8.34 18.91
CA LEU A 345 -10.83 8.29 17.95
C LEU A 345 -9.60 7.62 18.56
N ASN A 346 -9.31 7.92 19.83
CA ASN A 346 -8.17 7.30 20.49
C ASN A 346 -8.36 5.79 20.62
N ALA A 347 -9.58 5.35 20.89
CA ALA A 347 -9.87 3.92 20.95
C ALA A 347 -9.74 3.28 19.56
N TRP A 348 -10.15 4.01 18.51
CA TRP A 348 -9.97 3.52 17.15
C TRP A 348 -8.50 3.26 16.83
N TYR A 349 -7.63 4.20 17.20
CA TYR A 349 -6.20 4.02 16.99
C TYR A 349 -5.71 2.76 17.68
N ALA A 350 -6.23 2.47 18.88
CA ALA A 350 -5.86 1.23 19.56
C ALA A 350 -6.36 0.00 18.82
N MET A 351 -7.54 0.09 18.18
CA MET A 351 -8.05 -1.04 17.40
C MET A 351 -7.14 -1.35 16.22
N LEU A 352 -6.66 -0.31 15.53
CA LEU A 352 -5.72 -0.53 14.42
C LEU A 352 -4.42 -1.15 14.91
N ASP A 353 -3.95 -0.76 16.10
CA ASP A 353 -2.79 -1.41 16.68
C ASP A 353 -3.05 -2.89 16.93
N ASP A 354 -4.24 -3.22 17.42
CA ASP A 354 -4.61 -4.63 17.60
C ASP A 354 -4.58 -5.37 16.26
N GLN A 355 -5.14 -4.76 15.21
CA GLN A 355 -5.14 -5.39 13.90
C GLN A 355 -3.73 -5.60 13.38
N ALA A 356 -2.89 -4.55 13.46
CA ALA A 356 -1.50 -4.68 13.05
C ALA A 356 -0.80 -5.82 13.78
N ARG A 357 -1.09 -5.96 15.08
CA ARG A 357 -0.53 -7.07 15.84
C ARG A 357 -1.01 -8.40 15.28
N MET A 358 -2.29 -8.48 14.88
CA MET A 358 -2.79 -9.72 14.27
C MET A 358 -2.14 -9.97 12.92
N MET A 359 -1.93 -8.91 12.12
CA MET A 359 -1.25 -9.07 10.84
C MET A 359 0.14 -9.67 11.01
N ARG A 360 0.89 -9.19 12.00
CA ARG A 360 2.23 -9.73 12.23
C ARG A 360 2.19 -11.17 12.70
N ALA A 361 1.14 -11.55 13.44
CA ALA A 361 0.99 -12.96 13.82
C ALA A 361 0.85 -13.85 12.58
N PHE A 362 0.13 -13.38 11.57
CA PHE A 362 0.04 -14.17 10.35
C PHE A 362 1.35 -14.17 9.58
N ASP A 363 2.10 -13.06 9.61
CA ASP A 363 3.45 -13.04 9.03
C ASP A 363 4.28 -14.19 9.57
N ARG A 364 4.25 -14.40 10.88
CA ARG A 364 5.03 -15.49 11.48
C ARG A 364 4.51 -16.84 11.02
N LEU A 365 3.18 -17.00 10.92
CA LEU A 365 2.61 -18.24 10.42
C LEU A 365 3.11 -18.55 9.01
N PHE A 366 3.16 -17.54 8.14
CA PHE A 366 3.56 -17.77 6.75
C PHE A 366 5.07 -17.91 6.58
N GLU A 367 5.85 -17.79 7.65
CA GLU A 367 7.23 -18.22 7.60
C GLU A 367 7.35 -19.74 7.53
N SER A 368 6.33 -20.46 8.00
CA SER A 368 6.31 -21.92 7.98
C SER A 368 5.40 -22.50 6.92
N PHE A 369 4.47 -21.73 6.36
CA PHE A 369 3.53 -22.23 5.39
C PHE A 369 3.48 -21.30 4.19
N ASP A 370 3.21 -21.89 3.02
CA ASP A 370 2.94 -21.13 1.81
C ASP A 370 1.49 -20.76 1.66
N ALA A 371 0.58 -21.55 2.24
CA ALA A 371 -0.84 -21.29 2.06
C ALA A 371 -1.63 -21.97 3.15
N ILE A 372 -2.76 -21.36 3.48
CA ILE A 372 -3.81 -21.99 4.26
C ILE A 372 -4.88 -22.48 3.29
N PHE A 373 -5.32 -23.73 3.45
CA PHE A 373 -6.49 -24.27 2.77
C PHE A 373 -7.62 -24.37 3.78
N CYS A 374 -8.79 -23.83 3.45
CA CYS A 374 -9.92 -23.89 4.36
C CYS A 374 -11.19 -23.59 3.57
N PRO A 375 -12.37 -23.80 4.16
CA PRO A 375 -13.61 -23.48 3.47
C PRO A 375 -13.73 -21.99 3.18
N VAL A 376 -14.50 -21.66 2.14
CA VAL A 376 -14.92 -20.28 1.95
C VAL A 376 -16.00 -19.93 2.96
N LEU A 377 -17.08 -20.73 2.98
CA LEU A 377 -18.08 -20.74 4.02
C LEU A 377 -18.34 -22.19 4.41
N GLY A 378 -19.01 -22.37 5.56
CA GLY A 378 -19.28 -23.71 6.04
C GLY A 378 -20.28 -24.51 5.22
N THR A 379 -21.04 -23.86 4.35
CA THR A 379 -22.02 -24.59 3.55
C THR A 379 -22.23 -23.87 2.23
N THR A 380 -22.98 -24.53 1.35
CA THR A 380 -23.26 -24.04 0.02
C THR A 380 -24.39 -23.01 0.05
N ALA A 381 -24.77 -22.51 -1.13
CA ALA A 381 -25.68 -21.39 -1.24
C ALA A 381 -27.01 -21.68 -0.55
N PHE A 382 -27.43 -20.76 0.32
CA PHE A 382 -28.66 -20.92 1.07
C PHE A 382 -29.86 -20.45 0.25
N ALA A 383 -31.05 -20.86 0.70
CA ALA A 383 -32.27 -20.42 0.05
C ALA A 383 -32.50 -18.93 0.28
N HIS A 384 -33.17 -18.28 -0.70
CA HIS A 384 -33.42 -16.85 -0.63
C HIS A 384 -34.02 -16.47 0.72
N SER A 385 -33.47 -15.42 1.33
CA SER A 385 -33.90 -14.95 2.63
C SER A 385 -34.46 -13.53 2.52
N ASP A 386 -35.64 -13.33 3.10
CA ASP A 386 -36.25 -12.00 3.19
C ASP A 386 -35.99 -11.34 4.53
N GLU A 387 -35.18 -11.97 5.38
CA GLU A 387 -34.90 -11.45 6.72
C GLU A 387 -33.66 -10.56 6.65
N PRO A 388 -33.78 -9.24 6.85
CA PRO A 388 -32.61 -8.37 6.73
C PRO A 388 -31.63 -8.45 7.89
N ASP A 389 -32.06 -8.95 9.05
CA ASP A 389 -31.22 -9.02 10.23
C ASP A 389 -30.54 -10.39 10.27
N TRP A 390 -29.22 -10.39 10.12
CA TRP A 390 -28.47 -11.65 10.18
C TRP A 390 -28.66 -12.35 11.52
N ALA A 391 -28.87 -11.60 12.59
CA ALA A 391 -29.10 -12.20 13.89
C ALA A 391 -30.39 -13.02 13.92
N LYS A 392 -31.30 -12.78 12.98
CA LYS A 392 -32.54 -13.54 12.87
C LYS A 392 -32.52 -14.56 11.74
N ARG A 393 -31.35 -14.86 11.20
CA ARG A 393 -31.20 -15.88 10.17
C ARG A 393 -30.51 -17.10 10.73
N SER A 394 -30.76 -18.24 10.10
CA SER A 394 -30.08 -19.48 10.43
C SER A 394 -29.74 -20.21 9.13
N LEU A 395 -28.94 -21.27 9.26
CA LEU A 395 -28.49 -22.06 8.13
C LEU A 395 -28.65 -23.53 8.45
N SER A 396 -28.75 -24.35 7.40
CA SER A 396 -28.83 -25.79 7.54
C SER A 396 -27.43 -26.38 7.30
N ILE A 397 -26.89 -27.03 8.32
CA ILE A 397 -25.61 -27.72 8.21
C ILE A 397 -25.88 -29.19 8.50
N ASP A 398 -25.80 -30.02 7.45
CA ASP A 398 -26.09 -31.45 7.56
C ASP A 398 -27.43 -31.71 8.24
N GLY A 399 -28.44 -30.95 7.84
CA GLY A 399 -29.75 -31.08 8.44
C GLY A 399 -29.89 -30.50 9.82
N GLY A 400 -28.88 -29.81 10.33
CA GLY A 400 -28.94 -29.18 11.63
C GLY A 400 -28.96 -27.67 11.49
N ILE A 401 -29.59 -27.00 12.45
CA ILE A 401 -29.72 -25.55 12.43
C ILE A 401 -28.49 -24.94 13.06
N ALA A 402 -27.89 -23.96 12.37
CA ALA A 402 -26.71 -23.27 12.84
C ALA A 402 -26.88 -21.77 12.65
N PRO A 403 -26.21 -20.95 13.47
CA PRO A 403 -26.34 -19.49 13.32
C PRO A 403 -25.75 -19.02 12.01
N PHE A 404 -26.43 -18.04 11.40
CA PHE A 404 -25.97 -17.49 10.12
C PHE A 404 -24.70 -16.66 10.30
N ALA A 405 -24.77 -15.66 11.16
CA ALA A 405 -23.70 -14.66 11.24
C ALA A 405 -22.37 -15.26 11.67
N ALA A 406 -22.39 -16.39 12.39
CA ALA A 406 -21.13 -17.01 12.82
C ALA A 406 -20.25 -17.40 11.66
N GLN A 407 -20.83 -17.66 10.48
CA GLN A 407 -20.05 -18.03 9.30
C GLN A 407 -19.07 -16.96 8.87
N LEU A 408 -19.19 -15.73 9.38
CA LEU A 408 -18.19 -14.69 9.14
C LEU A 408 -16.79 -15.14 9.54
N GLY A 409 -16.67 -16.11 10.45
CA GLY A 409 -15.36 -16.57 10.88
C GLY A 409 -14.50 -17.09 9.74
N TRP A 410 -15.11 -17.72 8.74
CA TRP A 410 -14.33 -18.33 7.66
C TRP A 410 -13.63 -17.29 6.79
N ILE A 411 -14.23 -16.11 6.62
CA ILE A 411 -13.63 -15.08 5.78
C ILE A 411 -12.88 -14.03 6.59
N SER A 412 -12.89 -14.13 7.93
CA SER A 412 -12.34 -13.06 8.75
C SER A 412 -10.82 -13.01 8.69
N MET A 413 -10.15 -14.16 8.53
CA MET A 413 -8.69 -14.16 8.54
C MET A 413 -8.12 -13.24 7.47
N ALA A 414 -8.52 -13.44 6.20
CA ALA A 414 -7.95 -12.66 5.12
C ALA A 414 -8.36 -11.19 5.20
N THR A 415 -9.61 -10.92 5.60
CA THR A 415 -10.05 -9.52 5.65
C THR A 415 -9.36 -8.76 6.78
N TYR A 416 -9.35 -9.34 7.99
CA TYR A 416 -8.76 -8.64 9.12
C TYR A 416 -7.24 -8.65 9.06
N GLY A 417 -6.65 -9.78 8.69
CA GLY A 417 -5.21 -9.84 8.54
C GLY A 417 -4.69 -9.16 7.30
N GLY A 418 -5.55 -8.94 6.30
CA GLY A 418 -5.16 -8.28 5.07
C GLY A 418 -4.65 -9.19 3.99
N MET A 419 -4.49 -10.49 4.27
CA MET A 419 -3.90 -11.39 3.30
C MET A 419 -4.78 -11.52 2.06
N PRO A 420 -4.18 -11.83 0.92
CA PRO A 420 -4.98 -12.22 -0.24
C PRO A 420 -5.54 -13.62 -0.04
N ALA A 421 -6.72 -13.85 -0.63
CA ALA A 421 -7.41 -15.14 -0.48
C ALA A 421 -8.15 -15.45 -1.77
N LEU A 422 -7.82 -16.59 -2.37
CA LEU A 422 -8.49 -17.06 -3.57
C LEU A 422 -9.69 -17.93 -3.21
N SER A 423 -10.77 -17.76 -3.95
CA SER A 423 -11.93 -18.65 -3.91
C SER A 423 -12.02 -19.35 -5.25
N MET A 424 -11.79 -20.66 -5.27
CA MET A 424 -11.72 -21.39 -6.53
C MET A 424 -12.60 -22.64 -6.50
N PRO A 425 -13.14 -23.04 -7.64
CA PRO A 425 -14.06 -24.18 -7.68
C PRO A 425 -13.39 -25.50 -7.30
N LEU A 426 -14.07 -26.27 -6.46
CA LEU A 426 -13.65 -27.61 -6.09
C LEU A 426 -14.56 -28.70 -6.65
N GLY A 427 -15.85 -28.43 -6.69
CA GLY A 427 -16.87 -29.40 -7.05
C GLY A 427 -18.22 -28.92 -6.55
N ALA A 428 -19.12 -29.88 -6.31
CA ALA A 428 -20.45 -29.57 -5.84
C ALA A 428 -20.84 -30.56 -4.77
N ASP A 429 -21.86 -30.20 -3.98
CA ASP A 429 -22.38 -31.08 -2.95
C ASP A 429 -23.40 -32.03 -3.57
N GLY A 430 -24.16 -32.74 -2.73
CA GLY A 430 -25.12 -33.71 -3.24
C GLY A 430 -26.26 -33.11 -4.02
N ASN A 431 -26.50 -31.80 -3.88
CA ASN A 431 -27.59 -31.14 -4.58
C ASN A 431 -27.11 -30.36 -5.81
N GLY A 432 -25.87 -30.55 -6.23
CA GLY A 432 -25.34 -29.81 -7.34
C GLY A 432 -24.96 -28.38 -7.05
N LEU A 433 -24.85 -28.01 -5.77
CA LEU A 433 -24.45 -26.65 -5.45
C LEU A 433 -22.94 -26.56 -5.31
N PRO A 434 -22.29 -25.60 -5.99
CA PRO A 434 -20.83 -25.56 -5.98
C PRO A 434 -20.24 -25.40 -4.58
N ILE A 435 -19.07 -26.01 -4.40
CA ILE A 435 -18.24 -25.83 -3.21
C ILE A 435 -16.89 -25.32 -3.68
N ASN A 436 -16.44 -24.20 -3.11
CA ASN A 436 -15.14 -23.63 -3.44
C ASN A 436 -14.16 -23.83 -2.30
N LEU A 437 -12.88 -23.75 -2.64
CA LEU A 437 -11.79 -23.76 -1.69
C LEU A 437 -11.31 -22.33 -1.47
N GLN A 438 -10.93 -22.01 -0.23
CA GLN A 438 -10.27 -20.75 0.08
C GLN A 438 -8.78 -21.00 0.23
N ILE A 439 -7.98 -20.29 -0.57
CA ILE A 439 -6.52 -20.37 -0.50
C ILE A 439 -6.01 -19.02 0.00
N ILE A 440 -5.41 -19.02 1.18
CA ILE A 440 -4.90 -17.80 1.81
C ILE A 440 -3.38 -17.84 1.81
N THR A 441 -2.76 -16.79 1.26
CA THR A 441 -1.31 -16.66 1.24
C THR A 441 -0.90 -15.35 1.89
N ARG A 442 0.41 -15.17 2.06
CA ARG A 442 0.89 -14.00 2.78
C ARG A 442 0.61 -12.71 2.01
N ASN A 443 0.58 -11.59 2.76
CA ASN A 443 0.35 -10.29 2.17
C ASN A 443 1.30 -10.04 1.00
N TRP A 444 0.74 -9.50 -0.09
CA TRP A 444 1.40 -9.10 -1.33
C TRP A 444 1.75 -10.30 -2.21
N SER A 445 1.43 -11.52 -1.82
CA SER A 445 1.63 -12.70 -2.65
C SER A 445 0.37 -13.08 -3.42
N ASP A 446 -0.36 -12.08 -3.93
CA ASP A 446 -1.60 -12.34 -4.63
C ASP A 446 -1.40 -13.28 -5.81
N HIS A 447 -0.29 -13.14 -6.53
CA HIS A 447 -0.04 -14.01 -7.68
C HIS A 447 0.28 -15.45 -7.24
N ASP A 448 0.86 -15.63 -6.05
CA ASP A 448 1.03 -16.97 -5.50
C ASP A 448 -0.32 -17.64 -5.25
N ALA A 449 -1.25 -16.89 -4.63
CA ALA A 449 -2.57 -17.45 -4.37
C ALA A 449 -3.25 -17.89 -5.65
N ILE A 450 -3.13 -17.09 -6.71
CA ILE A 450 -3.69 -17.47 -8.01
C ILE A 450 -2.98 -18.72 -8.54
N ARG A 451 -1.64 -18.72 -8.47
CA ARG A 451 -0.86 -19.82 -9.04
C ARG A 451 -1.11 -21.12 -8.30
N ILE A 452 -1.18 -21.07 -6.96
CA ILE A 452 -1.46 -22.29 -6.20
C ILE A 452 -2.84 -22.83 -6.57
N GLY A 453 -3.81 -21.93 -6.75
CA GLY A 453 -5.13 -22.36 -7.18
C GLY A 453 -5.10 -23.04 -8.53
N ALA A 454 -4.33 -22.48 -9.47
CA ALA A 454 -4.17 -23.11 -10.77
C ALA A 454 -3.54 -24.48 -10.66
N LEU A 455 -2.57 -24.63 -9.76
CA LEU A 455 -1.93 -25.94 -9.57
C LEU A 455 -2.88 -26.91 -8.89
N VAL A 456 -3.68 -26.43 -7.93
CA VAL A 456 -4.66 -27.30 -7.28
C VAL A 456 -5.65 -27.83 -8.30
N ALA A 457 -6.11 -26.96 -9.22
CA ALA A 457 -7.08 -27.39 -10.22
C ALA A 457 -6.48 -28.44 -11.15
N GLU A 458 -5.19 -28.27 -11.51
CA GLU A 458 -4.52 -29.31 -12.29
C GLU A 458 -4.43 -30.61 -11.51
N ALA A 459 -4.07 -30.52 -10.23
CA ALA A 459 -3.91 -31.72 -9.41
C ALA A 459 -5.22 -32.48 -9.21
N LEU A 460 -6.36 -31.80 -9.32
CA LEU A 460 -7.65 -32.46 -9.15
C LEU A 460 -8.14 -33.18 -10.40
N ASP A 461 -7.52 -32.93 -11.55
CA ASP A 461 -8.02 -33.49 -12.81
C ASP A 461 -7.12 -34.62 -13.34
N SER B 25 34.78 11.95 -1.43
CA SER B 25 35.99 11.47 -0.75
C SER B 25 35.79 10.07 -0.19
N GLU B 26 34.77 9.89 0.64
CA GLU B 26 34.48 8.58 1.21
C GLU B 26 33.76 7.70 0.20
N LEU B 27 33.91 6.39 0.36
CA LEU B 27 33.18 5.46 -0.48
C LEU B 27 31.69 5.55 -0.19
N SER B 28 30.89 5.46 -1.24
CA SER B 28 29.45 5.31 -1.06
C SER B 28 29.14 3.89 -0.60
N ALA B 29 27.85 3.61 -0.38
CA ALA B 29 27.48 2.28 0.08
C ALA B 29 27.72 1.23 -1.00
N ILE B 30 27.36 1.54 -2.26
CA ILE B 30 27.62 0.60 -3.34
C ILE B 30 29.11 0.46 -3.59
N GLU B 31 29.85 1.57 -3.54
CA GLU B 31 31.31 1.49 -3.67
C GLU B 31 31.93 0.63 -2.58
N THR B 32 31.46 0.79 -1.34
CA THR B 32 31.98 -0.01 -0.23
C THR B 32 31.72 -1.49 -0.46
N ALA B 33 30.53 -1.84 -0.92
CA ALA B 33 30.21 -3.24 -1.19
C ALA B 33 31.09 -3.80 -2.32
N ALA B 34 31.45 -2.96 -3.29
CA ALA B 34 32.31 -3.42 -4.38
C ALA B 34 33.77 -3.53 -3.96
N ALA B 35 34.24 -2.56 -3.18
CA ALA B 35 35.62 -2.62 -2.68
C ALA B 35 35.81 -3.84 -1.77
N ILE B 36 34.79 -4.18 -0.98
CA ILE B 36 34.88 -5.37 -0.14
C ILE B 36 34.96 -6.63 -0.99
N ALA B 37 33.98 -6.81 -1.89
CA ALA B 37 33.92 -8.02 -2.70
C ALA B 37 35.16 -8.16 -3.59
N GLY B 38 35.75 -7.05 -4.01
CA GLY B 38 36.93 -7.07 -4.84
C GLY B 38 38.25 -7.19 -4.11
N GLY B 39 38.22 -7.57 -2.82
CA GLY B 39 39.43 -7.77 -2.07
C GLY B 39 40.24 -6.54 -1.76
N SER B 40 39.75 -5.34 -2.09
CA SER B 40 40.45 -4.13 -1.69
C SER B 40 40.48 -3.99 -0.18
N MET B 41 39.53 -4.61 0.51
CA MET B 41 39.46 -4.62 1.96
C MET B 41 38.47 -5.70 2.36
N THR B 42 38.59 -6.15 3.60
CA THR B 42 37.63 -7.10 4.14
C THR B 42 36.47 -6.35 4.80
N ALA B 43 35.41 -7.08 5.14
CA ALA B 43 34.31 -6.47 5.87
C ALA B 43 34.78 -5.95 7.23
N LEU B 44 35.58 -6.75 7.94
CA LEU B 44 36.11 -6.30 9.23
C LEU B 44 36.95 -5.05 9.06
N GLU B 45 37.75 -4.98 8.00
CA GLU B 45 38.53 -3.77 7.73
C GLU B 45 37.62 -2.58 7.42
N ALA B 46 36.54 -2.81 6.67
CA ALA B 46 35.60 -1.73 6.39
C ALA B 46 34.90 -1.27 7.66
N CYS B 47 34.50 -2.23 8.50
CA CYS B 47 33.89 -1.91 9.79
C CYS B 47 34.83 -1.11 10.67
N ASP B 48 36.08 -1.56 10.80
CA ASP B 48 37.05 -0.86 11.64
C ASP B 48 37.34 0.53 11.12
N ALA B 49 37.37 0.70 9.80
CA ALA B 49 37.59 2.03 9.23
C ALA B 49 36.43 2.96 9.58
N ALA B 50 35.20 2.46 9.54
CA ALA B 50 34.05 3.26 9.91
C ALA B 50 34.11 3.66 11.38
N ILE B 51 34.39 2.69 12.25
CA ILE B 51 34.58 2.98 13.68
C ILE B 51 35.63 4.06 13.87
N ALA B 52 36.73 3.98 13.12
CA ALA B 52 37.78 4.98 13.23
C ALA B 52 37.29 6.36 12.79
N ARG B 53 36.54 6.42 11.68
CA ARG B 53 35.99 7.71 11.25
C ARG B 53 35.03 8.28 12.28
N ILE B 54 34.27 7.42 12.96
CA ILE B 54 33.33 7.91 13.96
C ILE B 54 34.09 8.47 15.16
N GLU B 55 35.02 7.69 15.71
CA GLU B 55 35.76 8.14 16.89
C GLU B 55 36.59 9.38 16.59
N GLN B 56 37.12 9.51 15.38
CA GLN B 56 37.93 10.68 15.03
C GLN B 56 37.12 11.90 14.67
N ARG B 57 35.86 11.74 14.22
CA ARG B 57 35.09 12.87 13.70
C ARG B 57 33.85 13.22 14.52
N ASP B 58 33.32 12.31 15.33
CA ASP B 58 32.03 12.55 15.96
C ASP B 58 32.14 13.39 17.24
N GLY B 59 33.35 13.77 17.65
CA GLY B 59 33.53 14.57 18.84
C GLY B 59 32.72 15.86 18.84
N PRO B 60 33.02 16.77 17.91
CA PRO B 60 32.26 18.03 17.85
C PRO B 60 30.90 17.91 17.17
N ILE B 61 30.55 16.76 16.62
CA ILE B 61 29.29 16.60 15.88
C ILE B 61 28.25 15.88 16.71
N ASN B 62 28.63 14.76 17.33
CA ASN B 62 27.76 14.01 18.24
C ASN B 62 26.53 13.45 17.49
N ALA B 63 26.81 12.68 16.46
CA ALA B 63 25.77 12.10 15.62
C ALA B 63 25.53 10.62 15.90
N VAL B 64 26.58 9.86 16.19
CA VAL B 64 26.43 8.43 16.46
C VAL B 64 26.39 8.29 17.98
N VAL B 65 25.16 8.26 18.52
CA VAL B 65 24.97 8.34 19.97
C VAL B 65 24.71 6.98 20.61
N VAL B 66 24.28 5.98 19.84
CA VAL B 66 24.18 4.61 20.32
C VAL B 66 25.20 3.80 19.54
N ARG B 67 26.15 3.18 20.23
CA ARG B 67 27.27 2.53 19.58
C ARG B 67 27.27 1.04 19.93
N ASP B 68 27.46 0.22 18.91
CA ASP B 68 27.37 -1.24 18.99
C ASP B 68 28.60 -1.87 18.35
N PHE B 69 29.78 -1.29 18.64
CA PHE B 69 30.98 -1.63 17.88
C PHE B 69 31.42 -3.07 18.09
N ASP B 70 31.29 -3.58 19.33
CA ASP B 70 31.71 -4.95 19.59
C ASP B 70 30.90 -5.94 18.78
N ARG B 71 29.56 -5.84 18.83
CA ARG B 71 28.72 -6.76 18.07
C ARG B 71 28.83 -6.52 16.57
N ALA B 72 29.05 -5.26 16.16
CA ALA B 72 29.21 -4.97 14.74
C ALA B 72 30.45 -5.66 14.17
N ARG B 73 31.56 -5.63 14.91
CA ARG B 73 32.76 -6.33 14.46
C ARG B 73 32.52 -7.83 14.34
N ASP B 74 31.68 -8.40 15.21
CA ASP B 74 31.31 -9.80 15.06
C ASP B 74 30.53 -10.04 13.77
N ALA B 75 29.60 -9.13 13.45
CA ALA B 75 28.85 -9.25 12.21
C ALA B 75 29.74 -9.06 10.99
N ALA B 76 30.76 -8.21 11.10
CA ALA B 76 31.68 -8.03 9.99
C ALA B 76 32.52 -9.28 9.77
N LYS B 77 32.92 -9.96 10.86
CA LYS B 77 33.59 -11.24 10.74
C LYS B 77 32.70 -12.26 10.05
N ALA B 78 31.40 -12.28 10.40
CA ALA B 78 30.47 -13.18 9.73
C ALA B 78 30.30 -12.83 8.27
N ALA B 79 30.29 -11.52 7.95
CA ALA B 79 30.21 -11.10 6.55
C ALA B 79 31.42 -11.58 5.77
N ASP B 80 32.61 -11.50 6.37
CA ASP B 80 33.81 -11.95 5.67
C ASP B 80 33.81 -13.46 5.46
N ALA B 81 33.17 -14.22 6.36
CA ALA B 81 33.07 -15.65 6.16
C ALA B 81 32.15 -15.97 4.98
N GLU B 82 31.02 -15.27 4.87
CA GLU B 82 30.13 -15.46 3.74
C GLU B 82 30.84 -15.12 2.43
N ILE B 83 31.62 -14.04 2.43
CA ILE B 83 32.37 -13.66 1.23
C ILE B 83 33.32 -14.77 0.83
N ALA B 84 34.01 -15.37 1.80
CA ALA B 84 34.93 -16.46 1.49
C ALA B 84 34.19 -17.66 0.92
N ALA B 85 32.93 -17.86 1.32
CA ALA B 85 32.08 -18.89 0.75
C ALA B 85 31.41 -18.48 -0.55
N ALA B 86 31.98 -17.50 -1.26
CA ALA B 86 31.47 -17.01 -2.54
C ALA B 86 30.03 -16.51 -2.45
N VAL B 87 29.57 -16.16 -1.25
CA VAL B 87 28.26 -15.55 -1.09
C VAL B 87 28.33 -14.09 -1.50
N ARG B 88 27.30 -13.63 -2.22
CA ARG B 88 27.25 -12.25 -2.67
C ARG B 88 25.88 -11.66 -2.33
N LYS B 89 25.90 -10.48 -1.71
CA LYS B 89 24.73 -9.72 -1.34
C LYS B 89 25.00 -8.26 -1.66
N PRO B 90 23.97 -7.48 -1.99
CA PRO B 90 24.21 -6.11 -2.49
C PRO B 90 24.90 -5.20 -1.49
N LEU B 91 24.83 -5.47 -0.19
CA LEU B 91 25.45 -4.61 0.81
C LEU B 91 26.32 -5.40 1.77
N LEU B 92 26.87 -6.53 1.32
CA LEU B 92 27.55 -7.45 2.22
C LEU B 92 28.79 -6.80 2.83
N GLY B 93 28.80 -6.69 4.15
CA GLY B 93 29.89 -6.07 4.88
C GLY B 93 29.84 -4.56 4.95
N VAL B 94 28.80 -3.91 4.42
CA VAL B 94 28.76 -2.46 4.41
C VAL B 94 28.34 -1.95 5.79
N PRO B 95 29.17 -1.18 6.47
CA PRO B 95 28.79 -0.65 7.79
C PRO B 95 27.93 0.61 7.65
N MET B 96 26.93 0.71 8.51
CA MET B 96 26.01 1.83 8.46
C MET B 96 25.41 2.03 9.84
N THR B 97 24.68 3.12 9.98
CA THR B 97 23.88 3.41 11.16
C THR B 97 22.44 3.65 10.73
N ILE B 98 21.53 3.71 11.70
CA ILE B 98 20.14 4.02 11.44
C ILE B 98 19.65 4.96 12.53
N LYS B 99 18.64 5.76 12.19
CA LYS B 99 18.00 6.65 13.15
C LYS B 99 17.63 5.90 14.42
N GLU B 100 17.85 6.55 15.58
CA GLU B 100 17.67 5.87 16.86
C GLU B 100 16.25 5.36 17.08
N SER B 101 15.25 5.90 16.38
CA SER B 101 13.88 5.48 16.60
C SER B 101 13.56 4.11 15.99
N PHE B 102 14.48 3.51 15.24
CA PHE B 102 14.31 2.17 14.68
C PHE B 102 14.83 1.13 15.67
N ASP B 103 14.04 0.07 15.88
CA ASP B 103 14.45 -0.98 16.79
C ASP B 103 15.63 -1.76 16.20
N ILE B 104 16.65 -1.99 17.04
CA ILE B 104 17.68 -2.98 16.79
C ILE B 104 17.76 -3.84 18.03
N ALA B 105 17.62 -5.16 17.86
CA ALA B 105 17.65 -6.08 18.99
C ALA B 105 18.90 -5.87 19.82
N GLY B 106 18.71 -5.60 21.11
CA GLY B 106 19.81 -5.39 22.03
C GLY B 106 20.19 -3.94 22.25
N LEU B 107 19.65 -3.02 21.47
CA LEU B 107 19.95 -1.61 21.64
C LEU B 107 18.72 -0.86 22.15
N PRO B 108 18.92 0.25 22.85
CA PRO B 108 17.77 1.04 23.31
C PRO B 108 17.07 1.74 22.16
N THR B 109 15.76 1.94 22.33
CA THR B 109 14.95 2.78 21.46
C THR B 109 14.18 3.72 22.38
N SER B 110 14.66 4.96 22.50
CA SER B 110 14.13 5.90 23.48
C SER B 110 13.36 7.06 22.86
N TRP B 111 13.61 7.39 21.59
CA TRP B 111 13.07 8.60 20.96
C TRP B 111 13.47 9.85 21.72
N GLY B 112 14.59 9.80 22.44
CA GLY B 112 15.06 10.95 23.18
C GLY B 112 14.44 11.14 24.55
N PHE B 113 13.41 10.38 24.89
CA PHE B 113 12.79 10.49 26.21
C PHE B 113 13.70 9.88 27.27
N ALA B 114 13.88 10.61 28.39
CA ALA B 114 14.65 10.06 29.50
C ALA B 114 13.97 8.84 30.11
N GLU B 115 12.63 8.86 30.18
CA GLU B 115 11.91 7.73 30.75
C GLU B 115 11.99 6.48 29.90
N HIS B 116 12.44 6.59 28.65
CA HIS B 116 12.57 5.43 27.77
C HIS B 116 14.02 5.18 27.39
N ALA B 117 14.97 5.78 28.12
CA ALA B 117 16.38 5.57 27.83
C ALA B 117 16.78 4.11 27.92
N ASP B 118 16.18 3.36 28.84
CA ASP B 118 16.55 1.96 29.05
C ASP B 118 15.54 0.98 28.46
N HIS B 119 14.69 1.44 27.54
CA HIS B 119 13.83 0.54 26.78
C HIS B 119 14.68 -0.16 25.73
N ILE B 120 15.01 -1.43 25.96
CA ILE B 120 15.85 -2.20 25.06
C ILE B 120 14.95 -3.05 24.16
N ALA B 121 15.14 -2.95 22.86
CA ALA B 121 14.34 -3.73 21.91
C ALA B 121 14.78 -5.18 21.90
N THR B 122 13.83 -6.08 21.72
CA THR B 122 14.11 -7.52 21.67
C THR B 122 14.15 -8.08 20.25
N ALA B 123 13.74 -7.30 19.24
CA ALA B 123 13.75 -7.75 17.86
C ALA B 123 14.11 -6.60 16.94
N ASP B 124 14.76 -6.92 15.82
CA ASP B 124 15.07 -5.92 14.81
C ASP B 124 13.81 -5.41 14.13
N SER B 125 13.80 -4.11 13.82
CA SER B 125 12.73 -3.54 13.01
C SER B 125 12.78 -4.11 11.59
N LEU B 126 11.69 -3.92 10.85
CA LEU B 126 11.61 -4.46 9.49
C LEU B 126 12.72 -3.91 8.60
N VAL B 127 12.90 -2.59 8.60
CA VAL B 127 13.94 -1.98 7.76
C VAL B 127 15.30 -2.54 8.11
N VAL B 128 15.60 -2.65 9.40
CA VAL B 128 16.90 -3.20 9.82
C VAL B 128 17.03 -4.66 9.37
N SER B 129 15.97 -5.44 9.51
CA SER B 129 15.98 -6.83 9.07
C SER B 129 16.34 -6.94 7.60
N ARG B 130 15.69 -6.12 6.76
CA ARG B 130 15.95 -6.17 5.32
C ARG B 130 17.39 -5.81 5.01
N LEU B 131 17.89 -4.72 5.59
CA LEU B 131 19.26 -4.28 5.31
C LEU B 131 20.27 -5.31 5.79
N LYS B 132 20.02 -5.94 6.95
CA LYS B 132 20.87 -7.03 7.40
C LYS B 132 20.83 -8.21 6.42
N ALA B 133 19.62 -8.60 5.99
CA ALA B 133 19.51 -9.67 5.01
C ALA B 133 20.30 -9.36 3.74
N ALA B 134 20.42 -8.09 3.39
CA ALA B 134 21.24 -7.68 2.26
C ALA B 134 22.73 -7.59 2.59
N GLY B 135 23.11 -7.87 3.84
CA GLY B 135 24.51 -7.93 4.22
C GLY B 135 25.03 -6.75 5.01
N ALA B 136 24.18 -5.81 5.41
CA ALA B 136 24.65 -4.59 6.06
C ALA B 136 25.04 -4.85 7.52
N VAL B 137 26.00 -4.08 8.00
CA VAL B 137 26.52 -4.19 9.37
C VAL B 137 26.18 -2.89 10.10
N PHE B 138 25.44 -2.99 11.20
CA PHE B 138 24.97 -1.81 11.92
C PHE B 138 25.91 -1.50 13.08
N LEU B 139 26.61 -0.37 12.98
CA LEU B 139 27.52 0.09 14.02
C LEU B 139 26.78 0.68 15.21
N GLY B 140 25.58 1.19 14.99
CA GLY B 140 24.83 1.85 16.04
C GLY B 140 23.75 2.73 15.44
N LYS B 141 23.36 3.75 16.21
CA LYS B 141 22.20 4.55 15.85
C LYS B 141 22.50 6.03 16.03
N SER B 142 21.76 6.85 15.29
CA SER B 142 22.02 8.28 15.18
C SER B 142 20.99 9.10 15.96
N ASN B 143 21.39 10.32 16.29
CA ASN B 143 20.71 11.13 17.30
C ASN B 143 19.41 11.72 16.78
N ILE B 144 18.52 12.05 17.72
CA ILE B 144 17.16 12.50 17.42
C ILE B 144 16.73 13.54 18.46
N PRO B 145 15.72 14.33 18.13
CA PRO B 145 15.08 15.17 19.17
C PRO B 145 14.09 14.36 20.00
N VAL B 146 13.73 14.93 21.15
CA VAL B 146 12.77 14.31 22.04
C VAL B 146 11.46 14.10 21.30
N GLY B 147 10.99 12.85 21.28
CA GLY B 147 9.74 12.53 20.62
C GLY B 147 9.74 12.72 19.12
N LEU B 148 10.91 12.87 18.50
CA LEU B 148 11.03 13.09 17.06
C LEU B 148 10.21 14.31 16.62
N ALA B 149 10.19 15.35 17.46
CA ALA B 149 9.21 16.42 17.30
C ALA B 149 9.87 17.77 17.03
N ASP B 150 10.98 17.80 16.30
CA ASP B 150 11.65 19.06 16.05
C ASP B 150 12.56 18.92 14.84
N TRP B 151 12.88 20.06 14.23
CA TRP B 151 13.90 20.16 13.19
C TRP B 151 15.29 20.38 13.78
N GLN B 152 15.53 19.87 14.98
CA GLN B 152 16.85 19.78 15.60
C GLN B 152 17.00 18.38 16.17
N SER B 153 18.21 18.03 16.55
CA SER B 153 18.47 16.72 17.17
C SER B 153 19.20 16.94 18.50
N VAL B 154 18.43 16.96 19.57
CA VAL B 154 18.94 17.20 20.92
C VAL B 154 17.95 16.58 21.90
N ASN B 155 18.48 16.02 22.97
CA ASN B 155 17.67 15.27 23.93
C ASN B 155 18.54 14.97 25.15
N PRO B 156 17.92 14.67 26.30
CA PRO B 156 18.70 14.48 27.54
C PRO B 156 19.43 13.15 27.64
N ASN B 157 19.13 12.18 26.76
CA ASN B 157 19.82 10.90 26.82
C ASN B 157 21.18 10.95 26.13
N TYR B 158 21.30 11.74 25.07
CA TYR B 158 22.48 11.70 24.23
C TYR B 158 23.11 13.06 23.97
N GLY B 159 22.42 14.17 24.25
CA GLY B 159 22.95 15.47 23.94
C GLY B 159 22.49 15.97 22.59
N ARG B 160 23.24 16.95 22.08
CA ARG B 160 22.87 17.72 20.91
C ARG B 160 23.78 17.39 19.73
N THR B 161 23.19 17.32 18.55
CA THR B 161 23.93 17.12 17.31
C THR B 161 24.12 18.47 16.62
N ASN B 162 25.33 18.71 16.14
CA ASN B 162 25.70 19.98 15.53
C ASN B 162 25.93 19.78 14.04
N ASN B 163 25.56 20.78 13.26
CA ASN B 163 25.72 20.71 11.82
C ASN B 163 27.21 20.65 11.47
N PRO B 164 27.64 19.67 10.70
CA PRO B 164 29.08 19.60 10.33
C PRO B 164 29.56 20.78 9.51
N HIS B 165 28.66 21.50 8.82
CA HIS B 165 29.06 22.67 8.06
C HIS B 165 29.14 23.94 8.89
N ASP B 166 28.62 23.90 10.12
CA ASP B 166 28.67 25.02 11.05
C ASP B 166 28.16 24.55 12.40
N HIS B 167 29.07 24.29 13.34
CA HIS B 167 28.71 23.66 14.61
C HIS B 167 27.76 24.49 15.45
N SER B 168 27.55 25.76 15.11
CA SER B 168 26.58 26.57 15.82
C SER B 168 25.16 26.41 15.27
N ARG B 169 24.95 25.60 14.24
CA ARG B 169 23.64 25.47 13.62
C ARG B 169 23.07 24.07 13.82
N SER B 170 21.75 23.99 13.70
CA SER B 170 21.05 22.73 13.81
C SER B 170 21.46 21.78 12.68
N ALA B 171 21.64 20.51 13.01
CA ALA B 171 21.78 19.47 12.00
C ALA B 171 20.45 19.10 11.37
N GLY B 172 19.36 19.74 11.78
CA GLY B 172 18.04 19.31 11.36
C GLY B 172 17.48 18.23 12.27
N GLY B 173 16.25 17.86 11.96
CA GLY B 173 15.54 16.84 12.70
C GLY B 173 14.32 16.41 11.92
N SER B 174 13.78 15.24 12.28
CA SER B 174 14.24 14.49 13.44
C SER B 174 15.36 13.50 13.10
N SER B 175 15.63 13.29 11.81
CA SER B 175 16.76 12.46 11.39
C SER B 175 18.08 13.22 11.35
N GLY B 176 18.29 14.14 12.28
CA GLY B 176 19.45 15.03 12.20
C GLY B 176 20.77 14.28 12.36
N GLY B 177 20.85 13.40 13.36
CA GLY B 177 22.07 12.63 13.55
C GLY B 177 22.44 11.81 12.33
N ALA B 178 21.44 11.30 11.60
CA ALA B 178 21.71 10.55 10.38
C ALA B 178 22.32 11.43 9.31
N ALA B 179 21.69 12.58 9.04
CA ALA B 179 22.21 13.49 8.02
C ALA B 179 23.61 13.97 8.37
N ALA B 180 23.87 14.21 9.65
CA ALA B 180 25.17 14.71 10.07
C ALA B 180 26.24 13.63 9.93
N ALA B 181 25.94 12.40 10.32
CA ALA B 181 26.89 11.30 10.13
C ALA B 181 27.22 11.11 8.66
N LEU B 182 26.21 11.24 7.79
CA LEU B 182 26.46 11.15 6.35
C LEU B 182 27.33 12.30 5.86
N ALA B 183 27.05 13.53 6.31
CA ALA B 183 27.75 14.69 5.79
C ALA B 183 29.19 14.74 6.25
N ALA B 184 29.49 14.21 7.44
CA ALA B 184 30.85 14.14 7.93
C ALA B 184 31.61 12.92 7.43
N GLY B 185 30.95 12.04 6.68
CA GLY B 185 31.62 10.90 6.08
C GLY B 185 31.75 9.68 6.96
N MET B 186 31.08 9.64 8.10
CA MET B 186 31.24 8.52 9.03
C MET B 186 30.71 7.22 8.43
N VAL B 187 29.51 7.27 7.84
CA VAL B 187 28.91 6.09 7.21
C VAL B 187 28.31 6.48 5.88
N PRO B 188 28.21 5.53 4.96
CA PRO B 188 27.67 5.82 3.63
C PRO B 188 26.16 5.68 3.49
N LEU B 189 25.49 5.01 4.42
CA LEU B 189 24.05 4.78 4.29
C LEU B 189 23.37 5.00 5.63
N GLU B 190 22.16 5.54 5.58
CA GLU B 190 21.36 5.77 6.77
C GLU B 190 19.89 5.65 6.37
N TYR B 191 19.01 5.68 7.37
CA TYR B 191 17.58 5.52 7.15
C TYR B 191 16.84 6.32 8.21
N GLY B 192 15.87 7.13 7.79
CA GLY B 192 15.12 7.94 8.72
C GLY B 192 13.62 7.85 8.56
N SER B 193 12.88 8.68 9.31
CA SER B 193 11.44 8.79 9.21
C SER B 193 11.09 10.26 8.95
N ASP B 194 9.84 10.50 8.55
CA ASP B 194 9.44 11.82 8.07
C ASP B 194 7.93 11.95 8.20
N ILE B 195 7.48 12.76 9.15
CA ILE B 195 6.07 13.15 9.22
C ILE B 195 5.87 14.65 9.04
N GLY B 196 6.87 15.47 9.36
CA GLY B 196 6.81 16.89 9.11
C GLY B 196 8.05 17.38 8.41
N GLY B 197 8.70 16.48 7.64
CA GLY B 197 9.90 16.81 6.90
C GLY B 197 11.16 16.25 7.50
N SER B 198 11.01 15.26 8.37
CA SER B 198 12.13 14.82 9.20
C SER B 198 13.21 14.06 8.42
N ILE B 199 12.96 13.74 7.15
CA ILE B 199 14.02 13.21 6.28
C ILE B 199 14.55 14.34 5.40
N ARG B 200 13.63 15.08 4.80
CA ARG B 200 13.99 16.10 3.83
C ARG B 200 14.75 17.27 4.48
N VAL B 201 14.32 17.69 5.66
CA VAL B 201 14.89 18.88 6.30
C VAL B 201 16.33 18.62 6.76
N PRO B 202 16.62 17.54 7.52
CA PRO B 202 18.03 17.32 7.88
C PRO B 202 18.93 17.07 6.68
N ALA B 203 18.46 16.38 5.64
CA ALA B 203 19.25 16.25 4.42
C ALA B 203 19.51 17.61 3.80
N HIS B 204 18.53 18.50 3.90
CA HIS B 204 18.70 19.88 3.44
C HIS B 204 19.74 20.62 4.29
N PHE B 205 19.58 20.61 5.62
CA PHE B 205 20.49 21.36 6.49
C PHE B 205 21.92 20.87 6.36
N CYS B 206 22.11 19.56 6.19
CA CYS B 206 23.44 18.98 6.09
C CYS B 206 23.89 18.71 4.67
N GLY B 207 23.06 19.05 3.67
CA GLY B 207 23.44 18.89 2.28
C GLY B 207 23.75 17.48 1.84
N VAL B 208 22.87 16.53 2.17
CA VAL B 208 23.02 15.16 1.69
C VAL B 208 21.76 14.77 0.95
N TRP B 209 21.62 13.50 0.58
CA TRP B 209 20.47 13.01 -0.16
C TRP B 209 19.53 12.27 0.78
N GLY B 210 18.25 12.63 0.74
CA GLY B 210 17.24 11.92 1.50
C GLY B 210 15.94 11.75 0.74
N LEU B 211 15.29 10.59 0.88
CA LEU B 211 14.08 10.30 0.13
C LEU B 211 12.92 10.10 1.09
N LYS B 212 11.99 11.06 1.09
CA LYS B 212 10.67 10.82 1.64
C LYS B 212 9.91 9.91 0.67
N THR B 213 9.51 8.73 1.12
CA THR B 213 8.93 7.74 0.22
C THR B 213 7.42 7.91 0.11
N THR B 214 6.85 7.33 -0.95
CA THR B 214 5.41 7.28 -1.08
C THR B 214 4.79 6.70 0.18
N PHE B 215 3.72 7.33 0.65
CA PHE B 215 3.06 6.86 1.86
C PHE B 215 2.65 5.39 1.68
N ASP B 216 2.95 4.57 2.68
CA ASP B 216 2.63 3.14 2.77
C ASP B 216 3.57 2.26 1.95
N ALA B 217 4.61 2.81 1.31
CA ALA B 217 5.48 1.99 0.48
C ALA B 217 6.48 1.17 1.30
N VAL B 218 6.89 1.64 2.47
CA VAL B 218 7.84 0.95 3.33
C VAL B 218 7.20 0.72 4.69
N SER B 219 7.37 -0.49 5.22
CA SER B 219 6.79 -0.85 6.50
C SER B 219 7.43 -0.08 7.64
N LEU B 220 6.61 0.33 8.61
CA LEU B 220 7.05 0.98 9.83
C LEU B 220 7.25 0.03 10.99
N GLU B 221 7.15 -1.28 10.75
CA GLU B 221 7.27 -2.26 11.83
C GLU B 221 8.63 -2.15 12.52
N GLY B 222 8.60 -1.95 13.83
CA GLY B 222 9.82 -1.73 14.59
C GLY B 222 10.22 -0.29 14.73
N HIS B 223 9.59 0.62 13.98
CA HIS B 223 9.67 2.06 14.27
C HIS B 223 8.56 2.43 15.25
N TYR B 224 8.63 1.80 16.42
CA TYR B 224 7.59 1.87 17.44
C TYR B 224 7.88 2.95 18.45
N PHE B 225 6.83 3.64 18.89
CA PHE B 225 6.96 4.43 20.10
C PHE B 225 7.49 3.54 21.22
N PRO B 226 8.44 4.02 22.03
CA PRO B 226 9.10 3.13 22.99
C PRO B 226 8.12 2.44 23.92
N ARG B 227 8.36 1.14 24.13
CA ARG B 227 7.58 0.27 25.01
C ARG B 227 6.18 0.00 24.46
N THR B 228 5.95 0.22 23.17
CA THR B 228 4.71 -0.14 22.51
C THR B 228 5.02 -0.88 21.21
N ASP B 229 3.98 -1.39 20.56
CA ASP B 229 4.06 -1.81 19.16
C ASP B 229 3.19 -0.92 18.28
N SER B 230 3.22 0.38 18.55
CA SER B 230 2.43 1.37 17.82
C SER B 230 3.36 2.15 16.89
N ALA B 231 3.16 1.99 15.59
CA ALA B 231 3.71 2.88 14.58
C ALA B 231 2.57 3.75 14.05
N LYS B 232 2.89 4.99 13.69
CA LYS B 232 1.86 5.88 13.20
C LYS B 232 1.29 5.37 11.88
N ALA B 233 -0.02 5.52 11.71
CA ALA B 233 -0.71 4.93 10.57
C ALA B 233 -1.08 5.96 9.51
N ASP B 234 -0.74 7.23 9.71
CA ASP B 234 -1.06 8.28 8.75
C ASP B 234 0.10 9.26 8.67
N LEU B 235 0.31 9.81 7.46
CA LEU B 235 1.27 10.88 7.18
C LEU B 235 2.72 10.40 7.23
N SER B 236 3.07 9.65 8.26
CA SER B 236 4.46 9.28 8.51
C SER B 236 4.95 8.24 7.51
N VAL B 237 6.20 8.41 7.05
CA VAL B 237 6.87 7.43 6.21
C VAL B 237 8.29 7.26 6.71
N VAL B 238 8.92 6.17 6.28
CA VAL B 238 10.35 5.98 6.46
C VAL B 238 10.99 5.86 5.08
N GLY B 239 12.25 6.27 4.99
CA GLY B 239 12.95 6.28 3.72
C GLY B 239 14.44 6.44 3.92
N PRO B 240 15.22 6.12 2.90
CA PRO B 240 16.68 6.07 3.04
C PRO B 240 17.33 7.45 2.90
N MET B 241 18.55 7.54 3.44
N MET B 241 18.54 7.54 3.46
CA MET B 241 19.37 8.73 3.32
CA MET B 241 19.39 8.73 3.37
C MET B 241 20.80 8.32 3.03
C MET B 241 20.79 8.28 3.01
N ALA B 242 21.44 9.02 2.12
CA ALA B 242 22.76 8.65 1.62
C ALA B 242 23.44 9.87 1.02
N ARG B 243 24.59 9.66 0.39
CA ARG B 243 25.29 10.71 -0.34
C ARG B 243 25.21 10.55 -1.86
N THR B 244 24.67 9.45 -2.35
CA THR B 244 24.46 9.27 -3.79
C THR B 244 23.04 8.78 -4.04
N PRO B 245 22.44 9.19 -5.17
CA PRO B 245 21.12 8.66 -5.52
C PRO B 245 21.11 7.17 -5.77
N ALA B 246 22.19 6.62 -6.33
CA ALA B 246 22.26 5.17 -6.55
C ALA B 246 22.16 4.41 -5.24
N ASP B 247 22.72 4.95 -4.16
CA ASP B 247 22.58 4.32 -2.84
C ASP B 247 21.14 4.36 -2.36
N LEU B 248 20.43 5.47 -2.63
CA LEU B 248 19.03 5.56 -2.26
C LEU B 248 18.21 4.51 -2.97
N ALA B 249 18.43 4.37 -4.29
CA ALA B 249 17.67 3.42 -5.09
C ALA B 249 17.85 1.99 -4.59
N LEU B 250 19.08 1.63 -4.22
CA LEU B 250 19.34 0.27 -3.74
C LEU B 250 18.66 0.05 -2.39
N ALA B 251 18.79 1.01 -1.47
CA ALA B 251 18.16 0.87 -0.16
C ALA B 251 16.65 0.83 -0.26
N LEU B 252 16.08 1.62 -1.17
CA LEU B 252 14.64 1.55 -1.39
C LEU B 252 14.21 0.18 -1.87
N ASP B 253 14.98 -0.40 -2.80
CA ASP B 253 14.64 -1.74 -3.30
C ASP B 253 14.82 -2.80 -2.23
N ILE B 254 15.72 -2.59 -1.27
CA ILE B 254 15.92 -3.59 -0.23
C ILE B 254 14.79 -3.57 0.79
N THR B 255 14.16 -2.42 1.03
CA THR B 255 13.29 -2.23 2.18
C THR B 255 11.80 -2.08 1.86
N SER B 256 11.43 -1.79 0.61
CA SER B 256 10.02 -1.56 0.30
C SER B 256 9.21 -2.85 0.42
N LYS B 257 7.93 -2.69 0.77
CA LYS B 257 7.07 -3.86 0.98
C LYS B 257 7.04 -4.73 -0.27
N VAL B 258 6.96 -4.12 -1.43
CA VAL B 258 6.95 -4.77 -2.72
C VAL B 258 7.99 -4.08 -3.59
N PRO B 259 8.66 -4.77 -4.51
CA PRO B 259 9.55 -4.06 -5.45
C PRO B 259 8.77 -3.02 -6.25
N LEU B 260 9.23 -1.79 -6.20
CA LEU B 260 8.54 -0.66 -6.79
C LEU B 260 8.96 -0.47 -8.23
N PRO B 261 8.15 0.24 -9.04
CA PRO B 261 8.49 0.40 -10.46
C PRO B 261 9.80 1.17 -10.65
N GLN B 262 10.69 0.57 -11.43
CA GLN B 262 11.94 1.23 -11.78
C GLN B 262 11.67 2.37 -12.76
N SER B 263 12.60 3.32 -12.80
CA SER B 263 12.43 4.49 -13.65
C SER B 263 12.81 4.17 -15.09
N ARG B 264 12.04 4.72 -16.03
CA ARG B 264 12.39 4.67 -17.45
C ARG B 264 12.86 6.03 -17.96
N ILE B 265 13.07 7.00 -17.07
CA ILE B 265 13.56 8.31 -17.47
C ILE B 265 15.05 8.21 -17.73
N ALA B 266 15.45 8.42 -18.99
CA ALA B 266 16.85 8.29 -19.38
C ALA B 266 17.58 9.62 -19.49
N ASN B 267 16.86 10.74 -19.63
CA ASN B 267 17.48 12.05 -19.61
C ASN B 267 16.39 13.08 -19.33
N LEU B 268 16.80 14.35 -19.23
CA LEU B 268 15.86 15.40 -18.87
C LEU B 268 15.04 15.91 -20.04
N SER B 269 15.40 15.56 -21.28
CA SER B 269 14.70 16.09 -22.43
C SER B 269 13.26 15.57 -22.48
N GLY B 270 12.31 16.50 -22.63
CA GLY B 270 10.90 16.16 -22.61
C GLY B 270 10.26 16.15 -21.24
N LEU B 271 11.03 16.36 -20.18
CA LEU B 271 10.48 16.35 -18.83
C LEU B 271 9.65 17.61 -18.59
N ARG B 272 8.51 17.44 -17.95
CA ARG B 272 7.63 18.55 -17.61
C ARG B 272 7.75 18.82 -16.11
N ILE B 273 8.20 20.04 -15.76
CA ILE B 273 8.54 20.40 -14.39
C ILE B 273 7.70 21.61 -14.00
N LEU B 274 7.07 21.54 -12.83
CA LEU B 274 6.41 22.68 -12.22
C LEU B 274 7.36 23.28 -11.19
N LEU B 275 7.81 24.51 -11.44
CA LEU B 275 8.74 25.21 -10.56
C LEU B 275 7.95 26.10 -9.62
N LEU B 276 8.12 25.90 -8.32
CA LEU B 276 7.43 26.67 -7.29
C LEU B 276 8.47 27.25 -6.33
N THR B 277 8.66 28.56 -6.37
CA THR B 277 9.54 29.25 -5.44
C THR B 277 8.78 30.16 -4.50
N ALA B 278 7.45 30.10 -4.51
CA ALA B 278 6.61 30.87 -3.62
C ALA B 278 5.51 29.97 -3.06
N HIS B 279 5.00 30.35 -1.89
CA HIS B 279 3.95 29.62 -1.21
C HIS B 279 3.03 30.64 -0.56
N PRO B 280 1.71 30.45 -0.64
CA PRO B 280 0.79 31.47 -0.11
C PRO B 280 0.90 31.65 1.41
N GLU B 281 1.47 30.70 2.14
CA GLU B 281 1.51 30.78 3.60
C GLU B 281 2.91 30.82 4.19
N THR B 282 3.96 30.87 3.37
CA THR B 282 5.32 30.96 3.88
C THR B 282 6.21 31.56 2.80
N VAL B 283 7.51 31.64 3.09
CA VAL B 283 8.46 32.33 2.23
C VAL B 283 9.76 31.54 2.14
N ALA B 284 10.49 31.80 1.07
CA ALA B 284 11.85 31.31 0.89
C ALA B 284 12.77 32.50 0.70
N ASP B 285 13.98 32.41 1.22
CA ASP B 285 14.89 33.54 1.08
C ASP B 285 15.44 33.58 -0.34
N SER B 286 16.19 34.65 -0.65
CA SER B 286 16.61 34.87 -2.03
C SER B 286 17.65 33.86 -2.47
N ALA B 287 18.53 33.42 -1.57
CA ALA B 287 19.49 32.38 -1.94
C ALA B 287 18.78 31.07 -2.27
N THR B 288 17.67 30.78 -1.60
CA THR B 288 16.93 29.54 -1.86
C THR B 288 16.16 29.63 -3.17
N ILE B 289 15.42 30.72 -3.37
CA ILE B 289 14.74 30.95 -4.63
C ILE B 289 15.74 30.85 -5.80
N SER B 290 16.92 31.42 -5.61
CA SER B 290 17.91 31.43 -6.69
C SER B 290 18.42 30.02 -6.99
N ALA B 291 18.70 29.23 -5.96
CA ALA B 291 19.25 27.91 -6.18
C ALA B 291 18.24 26.98 -6.86
N VAL B 292 16.97 27.03 -6.42
CA VAL B 292 15.94 26.19 -7.04
C VAL B 292 15.71 26.61 -8.49
N GLU B 293 15.77 27.92 -8.76
CA GLU B 293 15.63 28.38 -10.14
C GLU B 293 16.79 27.89 -11.00
N ARG B 294 18.00 27.91 -10.45
CA ARG B 294 19.16 27.42 -11.20
C ARG B 294 19.01 25.96 -11.56
N ALA B 295 18.43 25.15 -10.67
CA ALA B 295 18.19 23.76 -10.98
C ALA B 295 17.22 23.62 -12.15
N ALA B 296 16.15 24.43 -12.16
CA ALA B 296 15.16 24.35 -13.23
C ALA B 296 15.76 24.79 -14.56
N ALA B 297 16.60 25.84 -14.53
CA ALA B 297 17.22 26.33 -15.75
C ALA B 297 18.17 25.31 -16.36
N ALA B 298 18.90 24.58 -15.51
CA ALA B 298 19.77 23.52 -16.03
C ALA B 298 18.96 22.43 -16.72
N CYS B 299 17.79 22.11 -16.18
CA CYS B 299 16.93 21.12 -16.83
C CYS B 299 16.37 21.66 -18.14
N GLU B 300 15.94 22.92 -18.14
CA GLU B 300 15.47 23.55 -19.36
C GLU B 300 16.54 23.55 -20.45
N ALA B 301 17.79 23.84 -20.06
CA ALA B 301 18.90 23.76 -21.00
C ALA B 301 19.15 22.33 -21.48
N SER B 302 18.67 21.33 -20.76
CA SER B 302 18.79 19.94 -21.17
C SER B 302 17.58 19.44 -21.93
N GLY B 303 16.67 20.33 -22.30
CA GLY B 303 15.51 19.95 -23.08
C GLY B 303 14.24 19.76 -22.29
N ALA B 304 14.25 20.04 -21.00
CA ALA B 304 13.04 19.94 -20.20
C ALA B 304 12.18 21.19 -20.38
N THR B 305 10.89 21.03 -20.12
CA THR B 305 9.95 22.13 -20.10
C THR B 305 9.67 22.53 -18.65
N VAL B 306 9.74 23.82 -18.36
CA VAL B 306 9.56 24.31 -17.01
C VAL B 306 8.43 25.32 -17.01
N ALA B 307 7.40 25.06 -16.20
CA ALA B 307 6.30 25.98 -15.98
C ALA B 307 6.36 26.51 -14.55
N THR B 308 5.79 27.68 -14.34
CA THR B 308 5.83 28.31 -13.03
C THR B 308 4.45 28.44 -12.40
N SER B 309 3.40 27.99 -13.09
CA SER B 309 2.06 27.95 -12.54
C SER B 309 1.29 26.84 -13.24
N SER B 310 0.15 26.49 -12.67
CA SER B 310 -0.73 25.52 -13.29
C SER B 310 -2.14 25.71 -12.76
N PRO B 311 -3.17 25.66 -13.62
CA PRO B 311 -4.54 25.67 -13.12
C PRO B 311 -4.86 24.48 -12.23
N ASP B 312 -4.07 23.40 -12.32
CA ASP B 312 -4.32 22.18 -11.57
C ASP B 312 -3.49 22.07 -10.29
N LEU B 313 -2.78 23.13 -9.92
CA LEU B 313 -2.10 23.15 -8.63
C LEU B 313 -3.14 23.32 -7.52
N PRO B 314 -3.22 22.40 -6.56
CA PRO B 314 -4.23 22.53 -5.50
C PRO B 314 -4.00 23.76 -4.64
N ASP B 315 -5.06 24.14 -3.92
CA ASP B 315 -5.00 25.27 -2.99
C ASP B 315 -4.01 24.99 -1.87
N LEU B 316 -2.81 25.55 -1.97
CA LEU B 316 -1.78 25.26 -0.98
C LEU B 316 -2.08 25.83 0.40
N SER B 317 -2.91 26.87 0.48
CA SER B 317 -3.32 27.37 1.79
C SER B 317 -4.25 26.39 2.48
N ALA B 318 -5.26 25.89 1.77
CA ALA B 318 -6.14 24.89 2.35
C ALA B 318 -5.38 23.62 2.69
N LEU B 319 -4.42 23.24 1.83
CA LEU B 319 -3.64 22.04 2.07
C LEU B 319 -2.91 22.11 3.42
N VAL B 320 -2.09 23.14 3.60
CA VAL B 320 -1.30 23.20 4.85
C VAL B 320 -2.22 23.32 6.06
N ALA B 321 -3.35 24.02 5.93
CA ALA B 321 -4.32 24.08 7.02
C ALA B 321 -4.87 22.69 7.32
N ASP B 322 -5.36 21.99 6.30
CA ASP B 322 -5.88 20.63 6.52
C ASP B 322 -4.78 19.71 7.03
N TYR B 323 -3.58 19.80 6.45
CA TYR B 323 -2.47 18.97 6.90
C TYR B 323 -2.14 19.21 8.37
N THR B 324 -2.12 20.47 8.79
CA THR B 324 -1.75 20.78 10.17
C THR B 324 -2.79 20.24 11.15
N ARG B 325 -4.08 20.33 10.79
CA ARG B 325 -5.12 19.77 11.64
C ARG B 325 -4.94 18.25 11.79
N MET B 326 -4.69 17.56 10.69
CA MET B 326 -4.50 16.12 10.77
C MET B 326 -3.23 15.78 11.56
N LEU B 327 -2.15 16.51 11.29
CA LEU B 327 -0.90 16.29 12.03
C LEU B 327 -1.12 16.35 13.53
N LEU B 328 -1.79 17.40 14.00
CA LEU B 328 -2.02 17.56 15.44
C LEU B 328 -2.81 16.40 16.00
N VAL B 329 -3.87 15.98 15.30
CA VAL B 329 -4.67 14.84 15.76
C VAL B 329 -3.81 13.58 15.82
N VAL B 330 -3.02 13.33 14.79
CA VAL B 330 -2.19 12.13 14.74
C VAL B 330 -1.18 12.14 15.88
N LEU B 331 -0.45 13.25 16.04
CA LEU B 331 0.55 13.32 17.11
C LEU B 331 -0.08 13.13 18.48
N ALA B 332 -1.30 13.63 18.66
CA ALA B 332 -2.00 13.52 19.94
C ALA B 332 -2.71 12.19 20.10
N ARG B 333 -2.64 11.30 19.10
CA ARG B 333 -3.41 10.06 19.10
C ARG B 333 -4.88 10.31 19.39
N GLY B 334 -5.42 11.39 18.82
CA GLY B 334 -6.81 11.73 19.00
C GLY B 334 -7.18 12.26 20.37
N LEU B 335 -6.22 12.45 21.27
CA LEU B 335 -6.51 12.98 22.59
C LEU B 335 -6.65 14.49 22.55
N ALA B 336 -7.56 15.02 23.38
CA ALA B 336 -7.75 16.45 23.46
C ALA B 336 -7.23 16.99 24.79
N PRO B 337 -6.83 18.26 24.84
CA PRO B 337 -6.45 18.86 26.13
C PRO B 337 -7.62 18.90 27.09
N GLU B 338 -7.32 19.28 28.33
CA GLU B 338 -8.35 19.33 29.37
C GLU B 338 -9.45 20.32 28.99
N GLY B 339 -10.70 19.89 29.16
CA GLY B 339 -11.85 20.75 28.90
C GLY B 339 -12.22 20.90 27.44
N THR B 340 -11.42 20.38 26.51
CA THR B 340 -11.72 20.45 25.09
C THR B 340 -12.38 19.16 24.61
N GLU B 341 -13.24 19.29 23.61
CA GLU B 341 -13.88 18.12 23.03
C GLU B 341 -12.95 17.50 21.98
N PRO B 342 -12.68 16.20 22.06
CA PRO B 342 -11.81 15.57 21.06
C PRO B 342 -12.46 15.52 19.70
N VAL B 343 -11.63 15.27 18.69
CA VAL B 343 -12.16 14.97 17.36
C VAL B 343 -12.89 13.64 17.41
N SER B 344 -14.10 13.60 16.86
CA SER B 344 -14.85 12.36 16.86
C SER B 344 -14.31 11.42 15.79
N LEU B 345 -14.54 10.13 15.99
CA LEU B 345 -14.14 9.14 15.00
C LEU B 345 -14.83 9.39 13.66
N ASN B 346 -16.09 9.82 13.70
CA ASN B 346 -16.77 10.16 12.47
C ASN B 346 -16.13 11.35 11.78
N ALA B 347 -15.73 12.37 12.57
CA ALA B 347 -15.04 13.52 11.99
C ALA B 347 -13.68 13.11 11.41
N TRP B 348 -12.99 12.18 12.07
CA TRP B 348 -11.72 11.67 11.56
C TRP B 348 -11.91 11.04 10.18
N TYR B 349 -12.90 10.15 10.04
CA TYR B 349 -13.17 9.55 8.74
C TYR B 349 -13.42 10.60 7.68
N ALA B 350 -14.08 11.70 8.04
CA ALA B 350 -14.28 12.79 7.09
C ALA B 350 -12.97 13.48 6.74
N MET B 351 -12.04 13.58 7.70
CA MET B 351 -10.74 14.18 7.40
C MET B 351 -9.94 13.31 6.44
N LEU B 352 -10.04 11.99 6.58
CA LEU B 352 -9.38 11.08 5.63
C LEU B 352 -9.95 11.26 4.23
N ASP B 353 -11.26 11.49 4.12
CA ASP B 353 -11.87 11.73 2.81
C ASP B 353 -11.38 13.04 2.22
N ASP B 354 -11.17 14.06 3.07
CA ASP B 354 -10.60 15.31 2.59
C ASP B 354 -9.20 15.08 2.04
N GLN B 355 -8.36 14.38 2.79
CA GLN B 355 -7.02 14.05 2.33
C GLN B 355 -7.06 13.29 1.01
N ALA B 356 -7.88 12.23 0.93
CA ALA B 356 -8.00 11.47 -0.30
C ALA B 356 -8.37 12.36 -1.48
N ARG B 357 -9.29 13.30 -1.25
CA ARG B 357 -9.66 14.25 -2.29
C ARG B 357 -8.47 15.10 -2.72
N MET B 358 -7.65 15.51 -1.76
CA MET B 358 -6.44 16.25 -2.10
C MET B 358 -5.46 15.39 -2.89
N MET B 359 -5.33 14.11 -2.52
CA MET B 359 -4.45 13.20 -3.25
C MET B 359 -4.85 13.09 -4.71
N ARG B 360 -6.16 12.99 -4.98
CA ARG B 360 -6.62 12.92 -6.37
C ARG B 360 -6.34 14.22 -7.11
N ALA B 361 -6.42 15.36 -6.43
CA ALA B 361 -6.08 16.63 -7.06
C ALA B 361 -4.62 16.64 -7.52
N PHE B 362 -3.73 15.99 -6.75
CA PHE B 362 -2.34 15.89 -7.19
C PHE B 362 -2.19 14.86 -8.31
N ASP B 363 -2.98 13.79 -8.31
CA ASP B 363 -3.00 12.87 -9.44
C ASP B 363 -3.30 13.60 -10.74
N ARG B 364 -4.27 14.52 -10.70
CA ARG B 364 -4.60 15.30 -11.89
C ARG B 364 -3.47 16.25 -12.28
N LEU B 365 -2.84 16.88 -11.28
CA LEU B 365 -1.69 17.73 -11.58
C LEU B 365 -0.59 16.94 -12.27
N PHE B 366 -0.32 15.72 -11.80
CA PHE B 366 0.77 14.93 -12.37
C PHE B 366 0.41 14.28 -13.70
N GLU B 367 -0.79 14.54 -14.24
CA GLU B 367 -1.06 14.22 -15.64
C GLU B 367 -0.40 15.21 -16.58
N SER B 368 -0.09 16.42 -16.10
CA SER B 368 0.55 17.44 -16.91
C SER B 368 2.02 17.64 -16.58
N PHE B 369 2.49 17.15 -15.42
CA PHE B 369 3.86 17.35 -14.99
C PHE B 369 4.47 16.04 -14.51
N ASP B 370 5.78 15.91 -14.74
CA ASP B 370 6.56 14.80 -14.21
C ASP B 370 7.09 15.07 -12.81
N ALA B 371 7.32 16.33 -12.46
CA ALA B 371 7.87 16.63 -11.14
C ALA B 371 7.52 18.06 -10.76
N ILE B 372 7.51 18.30 -9.45
CA ILE B 372 7.52 19.65 -8.89
C ILE B 372 8.92 19.91 -8.34
N PHE B 373 9.51 21.04 -8.73
CA PHE B 373 10.73 21.55 -8.12
C PHE B 373 10.36 22.67 -7.16
N CYS B 374 10.84 22.59 -5.92
CA CYS B 374 10.52 23.61 -4.94
C CYS B 374 11.52 23.50 -3.80
N PRO B 375 11.55 24.49 -2.90
CA PRO B 375 12.46 24.40 -1.75
C PRO B 375 12.08 23.26 -0.81
N VAL B 376 13.08 22.77 -0.09
CA VAL B 376 12.81 21.91 1.06
C VAL B 376 12.29 22.74 2.23
N LEU B 377 13.07 23.75 2.64
CA LEU B 377 12.62 24.80 3.54
C LEU B 377 13.01 26.15 2.95
N GLY B 378 12.42 27.21 3.49
CA GLY B 378 12.66 28.55 2.98
C GLY B 378 14.02 29.13 3.28
N THR B 379 14.79 28.51 4.17
CA THR B 379 16.13 28.99 4.46
C THR B 379 16.99 27.83 4.92
N THR B 380 18.26 28.13 5.18
CA THR B 380 19.26 27.15 5.55
C THR B 380 19.21 26.88 7.05
N ALA B 381 20.14 26.05 7.52
CA ALA B 381 20.13 25.61 8.91
C ALA B 381 20.18 26.80 9.87
N PHE B 382 19.25 26.80 10.82
CA PHE B 382 19.19 27.85 11.83
C PHE B 382 20.08 27.51 13.02
N ALA B 383 20.39 28.55 13.81
CA ALA B 383 21.21 28.37 15.00
C ALA B 383 20.42 27.61 16.07
N HIS B 384 21.14 26.81 16.86
CA HIS B 384 20.52 26.00 17.90
C HIS B 384 19.50 26.84 18.68
N SER B 385 18.33 26.26 18.92
CA SER B 385 17.25 26.95 19.60
C SER B 385 16.85 26.16 20.84
N ASP B 386 16.70 26.85 21.95
CA ASP B 386 16.21 26.26 23.18
C ASP B 386 14.72 26.56 23.41
N GLU B 387 14.08 27.28 22.49
CA GLU B 387 12.65 27.54 22.58
C GLU B 387 11.85 26.33 22.12
N PRO B 388 11.14 25.64 23.02
CA PRO B 388 10.37 24.47 22.60
C PRO B 388 9.11 24.83 21.82
N ASP B 389 8.60 26.04 21.95
CA ASP B 389 7.35 26.46 21.32
C ASP B 389 7.66 27.06 19.95
N TRP B 390 7.25 26.36 18.89
CA TRP B 390 7.47 26.87 17.53
C TRP B 390 6.78 28.21 17.33
N ALA B 391 5.68 28.45 18.04
CA ALA B 391 4.98 29.73 17.93
C ALA B 391 5.84 30.89 18.41
N LYS B 392 6.86 30.62 19.22
CA LYS B 392 7.77 31.65 19.72
C LYS B 392 9.09 31.68 18.97
N ARG B 393 9.25 30.86 17.93
CA ARG B 393 10.48 30.86 17.15
C ARG B 393 10.29 31.72 15.90
N SER B 394 11.43 32.17 15.36
CA SER B 394 11.45 32.94 14.13
C SER B 394 12.68 32.55 13.33
N LEU B 395 12.68 32.93 12.05
CA LEU B 395 13.78 32.62 11.15
C LEU B 395 14.25 33.88 10.43
N SER B 396 15.54 33.91 10.12
CA SER B 396 16.13 35.03 9.40
C SER B 396 15.97 34.81 7.89
N ILE B 397 15.24 35.69 7.23
CA ILE B 397 14.97 35.59 5.80
C ILE B 397 15.46 36.89 5.15
N ASP B 398 16.67 36.84 4.59
CA ASP B 398 17.25 37.98 3.88
C ASP B 398 17.30 39.24 4.75
N GLY B 399 17.88 39.09 5.95
CA GLY B 399 17.93 40.19 6.89
C GLY B 399 16.61 40.52 7.55
N GLY B 400 15.50 39.91 7.13
CA GLY B 400 14.23 40.04 7.80
C GLY B 400 13.97 38.90 8.76
N ILE B 401 12.74 38.86 9.27
CA ILE B 401 12.31 37.87 10.25
C ILE B 401 10.97 37.30 9.81
N ALA B 402 10.90 35.97 9.73
CA ALA B 402 9.67 35.28 9.36
C ALA B 402 9.32 34.24 10.41
N PRO B 403 8.04 33.90 10.55
CA PRO B 403 7.65 32.91 11.56
C PRO B 403 8.17 31.53 11.23
N PHE B 404 8.49 30.77 12.28
CA PHE B 404 9.13 29.46 12.14
C PHE B 404 8.14 28.41 11.64
N ALA B 405 6.97 28.32 12.28
CA ALA B 405 6.04 27.23 12.00
C ALA B 405 5.44 27.31 10.61
N ALA B 406 5.46 28.49 9.97
CA ALA B 406 4.89 28.61 8.64
C ALA B 406 5.66 27.80 7.61
N GLN B 407 6.94 27.52 7.86
CA GLN B 407 7.76 26.76 6.93
C GLN B 407 7.26 25.34 6.69
N LEU B 408 6.35 24.84 7.53
CA LEU B 408 5.71 23.55 7.26
C LEU B 408 5.07 23.51 5.88
N GLY B 409 4.71 24.66 5.32
CA GLY B 409 4.07 24.68 4.02
C GLY B 409 4.89 23.98 2.94
N TRP B 410 6.21 24.23 2.92
CA TRP B 410 7.06 23.62 1.91
C TRP B 410 7.05 22.10 2.01
N ILE B 411 6.81 21.58 3.20
CA ILE B 411 6.89 20.15 3.47
C ILE B 411 5.53 19.47 3.38
N SER B 412 4.44 20.23 3.41
CA SER B 412 3.11 19.65 3.60
C SER B 412 2.64 18.87 2.38
N MET B 413 2.98 19.34 1.17
CA MET B 413 2.39 18.76 -0.04
C MET B 413 2.68 17.27 -0.15
N ALA B 414 3.96 16.90 -0.01
CA ALA B 414 4.33 15.50 -0.19
C ALA B 414 3.84 14.63 0.95
N THR B 415 3.85 15.16 2.18
CA THR B 415 3.38 14.40 3.33
C THR B 415 1.87 14.20 3.27
N TYR B 416 1.12 15.28 3.01
CA TYR B 416 -0.33 15.19 3.04
C TYR B 416 -0.87 14.50 1.79
N GLY B 417 -0.29 14.81 0.63
CA GLY B 417 -0.70 14.15 -0.60
C GLY B 417 -0.19 12.73 -0.73
N GLY B 418 0.80 12.35 0.08
CA GLY B 418 1.38 11.03 0.03
C GLY B 418 2.53 10.86 -0.93
N MET B 419 2.80 11.85 -1.77
CA MET B 419 3.77 11.69 -2.85
C MET B 419 5.18 11.45 -2.32
N PRO B 420 6.02 10.76 -3.09
CA PRO B 420 7.45 10.71 -2.75
C PRO B 420 8.09 12.06 -3.04
N ALA B 421 9.15 12.37 -2.27
CA ALA B 421 9.81 13.66 -2.39
C ALA B 421 11.29 13.51 -2.07
N LEU B 422 12.13 13.84 -3.05
CA LEU B 422 13.57 13.76 -2.88
C LEU B 422 14.11 15.09 -2.35
N SER B 423 15.08 15.00 -1.45
CA SER B 423 15.84 16.16 -0.98
C SER B 423 17.29 15.94 -1.40
N MET B 424 17.77 16.75 -2.33
CA MET B 424 19.09 16.54 -2.91
C MET B 424 19.91 17.83 -2.89
N PRO B 425 21.23 17.72 -2.78
CA PRO B 425 22.07 18.93 -2.67
C PRO B 425 22.10 19.74 -3.96
N LEU B 426 21.95 21.05 -3.81
CA LEU B 426 22.15 21.99 -4.91
C LEU B 426 23.43 22.81 -4.77
N GLY B 427 23.88 23.04 -3.55
CA GLY B 427 25.03 23.86 -3.27
C GLY B 427 24.89 24.46 -1.87
N ALA B 428 25.48 25.64 -1.70
CA ALA B 428 25.47 26.33 -0.43
C ALA B 428 25.11 27.80 -0.63
N ASP B 429 24.65 28.43 0.45
CA ASP B 429 24.35 29.86 0.43
C ASP B 429 25.67 30.64 0.50
N GLY B 430 25.58 31.96 0.72
CA GLY B 430 26.77 32.76 0.84
C GLY B 430 27.66 32.35 2.01
N ASN B 431 27.06 31.83 3.07
CA ASN B 431 27.78 31.46 4.28
C ASN B 431 28.29 30.02 4.27
N GLY B 432 28.15 29.32 3.15
CA GLY B 432 28.60 27.94 3.07
C GLY B 432 27.65 26.93 3.71
N LEU B 433 26.41 27.31 3.97
CA LEU B 433 25.41 26.40 4.52
C LEU B 433 24.62 25.77 3.38
N PRO B 434 24.48 24.44 3.37
CA PRO B 434 23.88 23.76 2.21
C PRO B 434 22.45 24.20 1.91
N ILE B 435 22.14 24.21 0.61
CA ILE B 435 20.79 24.42 0.11
C ILE B 435 20.40 23.20 -0.71
N ASN B 436 19.26 22.60 -0.41
CA ASN B 436 18.77 21.42 -1.12
C ASN B 436 17.54 21.76 -1.95
N LEU B 437 17.33 20.93 -2.98
CA LEU B 437 16.15 20.98 -3.82
C LEU B 437 15.18 19.88 -3.39
N GLN B 438 13.89 20.19 -3.43
CA GLN B 438 12.84 19.21 -3.20
C GLN B 438 12.19 18.84 -4.53
N ILE B 439 12.30 17.58 -4.91
CA ILE B 439 11.70 17.06 -6.13
C ILE B 439 10.53 16.16 -5.74
N ILE B 440 9.33 16.53 -6.17
CA ILE B 440 8.10 15.81 -5.82
C ILE B 440 7.55 15.16 -7.08
N THR B 441 7.35 13.85 -7.04
CA THR B 441 6.77 13.11 -8.15
C THR B 441 5.50 12.41 -7.69
N ARG B 442 4.78 11.82 -8.64
CA ARG B 442 3.49 11.23 -8.32
C ARG B 442 3.66 10.01 -7.41
N ASN B 443 2.58 9.65 -6.74
CA ASN B 443 2.60 8.51 -5.84
C ASN B 443 3.10 7.26 -6.54
N TRP B 444 3.97 6.51 -5.87
CA TRP B 444 4.55 5.23 -6.27
C TRP B 444 5.67 5.38 -7.29
N SER B 445 6.04 6.59 -7.70
CA SER B 445 7.15 6.79 -8.62
C SER B 445 8.41 7.24 -7.88
N ASP B 446 8.66 6.63 -6.73
CA ASP B 446 9.84 6.98 -5.92
C ASP B 446 11.12 6.88 -6.74
N HIS B 447 11.20 5.90 -7.64
CA HIS B 447 12.41 5.74 -8.44
C HIS B 447 12.56 6.84 -9.47
N ASP B 448 11.43 7.40 -9.94
CA ASP B 448 11.50 8.57 -10.83
C ASP B 448 12.08 9.77 -10.08
N ALA B 449 11.70 9.95 -8.82
CA ALA B 449 12.24 11.05 -8.03
C ALA B 449 13.75 10.93 -7.90
N ILE B 450 14.24 9.73 -7.58
CA ILE B 450 15.68 9.49 -7.49
C ILE B 450 16.33 9.74 -8.84
N ARG B 451 15.77 9.13 -9.89
CA ARG B 451 16.36 9.26 -11.23
C ARG B 451 16.44 10.72 -11.66
N ILE B 452 15.35 11.46 -11.51
CA ILE B 452 15.36 12.88 -11.88
C ILE B 452 16.41 13.61 -11.05
N GLY B 453 16.51 13.28 -9.76
CA GLY B 453 17.52 13.91 -8.92
C GLY B 453 18.93 13.67 -9.41
N ALA B 454 19.23 12.42 -9.76
CA ALA B 454 20.54 12.10 -10.34
C ALA B 454 20.78 12.89 -11.62
N LEU B 455 19.76 12.99 -12.48
CA LEU B 455 19.91 13.71 -13.73
C LEU B 455 20.09 15.20 -13.51
N VAL B 456 19.46 15.76 -12.48
CA VAL B 456 19.67 17.16 -12.15
C VAL B 456 21.11 17.39 -11.68
N ALA B 457 21.63 16.48 -10.86
CA ALA B 457 23.00 16.63 -10.38
C ALA B 457 23.99 16.58 -11.54
N GLU B 458 23.74 15.73 -12.53
CA GLU B 458 24.61 15.69 -13.71
C GLU B 458 24.53 16.99 -14.50
N ALA B 459 23.32 17.52 -14.67
CA ALA B 459 23.14 18.73 -15.47
C ALA B 459 23.81 19.94 -14.82
N LEU B 460 23.94 19.93 -13.49
CA LEU B 460 24.53 21.05 -12.78
C LEU B 460 26.05 21.01 -12.75
N ASP B 461 26.65 19.86 -13.01
CA ASP B 461 28.11 19.76 -13.07
C ASP B 461 28.65 20.36 -14.36
#